data_6EZH
#
_entry.id   6EZH
#
_cell.length_a   91.440
_cell.length_b   106.740
_cell.length_c   150.750
_cell.angle_alpha   90.00
_cell.angle_beta   90.00
_cell.angle_gamma   90.00
#
_symmetry.space_group_name_H-M   'P 21 21 21'
#
loop_
_entity.id
_entity.type
_entity.pdbx_description
1 polymer Acetylcholinesterase
2 non-polymer 2-acetamido-2-deoxy-beta-D-glucopyranose
3 non-polymer 1-(7-chloranyl-4-methoxy-1~{H}-indol-5-yl)-3-[1-(cyclohexylmethyl)piperidin-4-yl]propan-1-one
4 water water
#
_entity_poly.entity_id   1
_entity_poly.type   'polypeptide(L)'
_entity_poly.pdbx_seq_one_letter_code
;DDHSELLVNTKSGKVMGTRVPVLSSHISAFLGIPFAEPPVGNMRFRRPEPKKPWSGVWNASTYPNNCQQYVDEQFPGFSG
SEMWNPNREMSEDCLYLNIWVPSPRPKSTTVMVWIYGGGFYSGSSTLDVYNGKYLAYTEEVVLVSLSYRVGAFGFLALHG
SQEAPGNVGLLDQRMALQWVHDNIQFFGGDPKTVTIFGESAGGASVGMHILSPGSRDLFRRAILQSGSPNCPWASVSVAE
GRRRAVELGRNLNCNLNSDEELIHCLREKKPQELIDVEWNVLPFDSIFRFSFVPVIDGEFFPTSLESMLNSGNFKKTQIL
LGVNKDEGSFFLLYGAPGFSKDSESKISREDFMSGVKLSVPHANDLGLDAVTLQYTDWMDDNNGIKNRDGLDDIVGDHNV
ICPLMHFVNKYTKFGNGTYLYFFNHRASNLVWPEWMGVIHGYEIEFVFGLPLVKELNYTAEEEALSRRIMHYWATFAKTG
NPNEPHSQESKWPLFTTKEQKFIDLNTEPMKVHQRLRVQMCVFWNQFLPKLLNATAC
;
_entity_poly.pdbx_strand_id   A,B
#
# COMPACT_ATOMS: atom_id res chain seq x y z
N SER A 4 -12.90 -57.85 27.20
CA SER A 4 -14.08 -57.15 26.69
C SER A 4 -13.66 -56.05 25.71
N GLU A 5 -14.61 -55.65 24.85
CA GLU A 5 -14.36 -54.59 23.90
C GLU A 5 -14.36 -53.24 24.61
N LEU A 6 -15.23 -53.10 25.61
CA LEU A 6 -15.35 -51.85 26.34
C LEU A 6 -14.42 -51.75 27.54
N LEU A 7 -13.86 -52.89 27.94
CA LEU A 7 -13.01 -52.94 29.12
C LEU A 7 -11.56 -52.97 28.66
N VAL A 8 -10.77 -51.99 29.10
CA VAL A 8 -9.38 -51.88 28.67
C VAL A 8 -8.40 -51.65 29.81
N ASN A 9 -7.37 -52.49 29.87
CA ASN A 9 -6.33 -52.36 30.88
C ASN A 9 -5.21 -51.47 30.36
N THR A 10 -5.09 -50.29 30.94
CA THR A 10 -4.07 -49.34 30.53
C THR A 10 -2.94 -49.35 31.53
N LYS A 11 -1.87 -48.64 31.21
CA LYS A 11 -0.70 -48.62 32.07
C LYS A 11 -0.93 -47.96 33.43
N SER A 12 -2.12 -47.39 33.63
CA SER A 12 -2.45 -46.77 34.92
C SER A 12 -3.69 -47.36 35.58
N GLY A 13 -4.44 -48.17 34.85
CA GLY A 13 -5.56 -48.83 35.46
C GLY A 13 -6.50 -49.36 34.42
N LYS A 14 -7.54 -50.04 34.88
CA LYS A 14 -8.61 -50.47 34.00
C LYS A 14 -9.60 -49.31 33.80
N VAL A 15 -10.06 -49.15 32.57
CA VAL A 15 -11.12 -48.19 32.30
C VAL A 15 -12.24 -48.93 31.61
N MET A 16 -13.47 -48.51 31.86
CA MET A 16 -14.64 -49.10 31.24
C MET A 16 -15.37 -48.07 30.39
N GLY A 17 -15.49 -48.34 29.10
CA GLY A 17 -16.17 -47.42 28.20
C GLY A 17 -17.56 -47.88 27.83
N THR A 18 -18.23 -47.08 27.01
CA THR A 18 -19.62 -47.35 26.67
C THR A 18 -19.84 -47.48 25.16
N ARG A 19 -20.84 -48.26 24.77
CA ARG A 19 -21.19 -48.44 23.38
C ARG A 19 -22.17 -47.35 22.99
N VAL A 20 -21.80 -46.48 22.07
CA VAL A 20 -22.66 -45.37 21.65
C VAL A 20 -23.10 -45.54 20.20
N PRO A 21 -24.25 -44.98 19.85
CA PRO A 21 -24.66 -45.09 18.46
C PRO A 21 -24.14 -43.94 17.57
N VAL A 22 -24.11 -44.23 16.29
CA VAL A 22 -23.65 -43.28 15.31
C VAL A 22 -24.19 -43.80 14.00
N LEU A 23 -24.95 -42.94 13.32
CA LEU A 23 -25.40 -43.19 11.95
C LEU A 23 -25.87 -44.64 11.71
N SER A 24 -26.92 -45.05 12.41
CA SER A 24 -27.47 -46.41 12.29
C SER A 24 -26.46 -47.52 12.60
N SER A 25 -25.38 -47.17 13.29
CA SER A 25 -24.43 -48.17 13.80
C SER A 25 -24.01 -47.84 15.24
N HIS A 26 -22.86 -48.34 15.67
CA HIS A 26 -22.36 -48.07 17.02
C HIS A 26 -20.84 -48.08 17.00
N ILE A 27 -20.23 -47.30 17.88
CA ILE A 27 -18.83 -47.49 18.20
C ILE A 27 -18.60 -47.39 19.70
N SER A 28 -17.35 -47.59 20.11
CA SER A 28 -16.99 -47.57 21.52
C SER A 28 -16.44 -46.21 21.91
N ALA A 29 -16.92 -45.68 23.04
CA ALA A 29 -16.44 -44.42 23.55
C ALA A 29 -15.92 -44.56 24.99
N PHE A 30 -14.77 -43.97 25.25
CA PHE A 30 -14.19 -43.92 26.58
C PHE A 30 -14.03 -42.45 26.95
N LEU A 31 -14.91 -41.96 27.81
CA LEU A 31 -14.94 -40.54 28.11
C LEU A 31 -14.29 -40.23 29.44
N GLY A 32 -13.51 -39.15 29.50
CA GLY A 32 -12.95 -38.67 30.75
C GLY A 32 -11.92 -39.57 31.44
N ILE A 33 -11.03 -40.16 30.66
CA ILE A 33 -9.88 -40.85 31.23
C ILE A 33 -8.93 -39.79 31.75
N PRO A 34 -8.43 -39.95 32.98
CA PRO A 34 -7.46 -38.99 33.50
C PRO A 34 -6.07 -39.27 32.94
N PHE A 35 -5.28 -38.22 32.68
CA PHE A 35 -3.92 -38.40 32.17
C PHE A 35 -2.89 -37.69 33.04
N ALA A 36 -3.38 -36.95 34.03
CA ALA A 36 -2.51 -36.22 34.93
C ALA A 36 -3.14 -36.17 36.31
N GLU A 37 -2.34 -35.82 37.30
CA GLU A 37 -2.83 -35.52 38.63
C GLU A 37 -3.59 -34.21 38.59
N PRO A 38 -4.71 -34.13 39.33
CA PRO A 38 -5.51 -32.91 39.41
C PRO A 38 -4.66 -31.72 39.82
N PRO A 39 -4.47 -30.74 38.91
CA PRO A 39 -3.58 -29.61 39.19
C PRO A 39 -4.21 -28.65 40.19
N VAL A 40 -4.56 -29.18 41.37
CA VAL A 40 -5.34 -28.42 42.34
C VAL A 40 -4.52 -27.97 43.54
N GLY A 41 -5.01 -26.95 44.24
CA GLY A 41 -4.36 -26.46 45.44
C GLY A 41 -2.95 -25.95 45.22
N ASN A 42 -2.00 -26.60 45.87
CA ASN A 42 -0.60 -26.23 45.79
C ASN A 42 -0.01 -26.50 44.41
N MET A 43 -0.76 -27.20 43.58
CA MET A 43 -0.29 -27.54 42.26
C MET A 43 -0.90 -26.63 41.19
N ARG A 44 -1.59 -25.59 41.64
CA ARG A 44 -2.03 -24.55 40.73
C ARG A 44 -0.78 -23.88 40.15
N PHE A 45 -0.79 -23.71 38.83
CA PHE A 45 0.30 -23.05 38.08
C PHE A 45 1.55 -23.94 37.84
N ARG A 46 1.60 -25.11 38.49
CA ARG A 46 2.76 -25.97 38.42
C ARG A 46 2.67 -26.94 37.24
N ARG A 47 3.79 -27.52 36.85
CA ARG A 47 3.77 -28.51 35.77
C ARG A 47 2.86 -29.67 36.14
N PRO A 48 2.23 -30.30 35.13
CA PRO A 48 1.34 -31.44 35.43
C PRO A 48 2.16 -32.64 35.88
N GLU A 49 1.59 -33.44 36.78
CA GLU A 49 2.18 -34.68 37.25
C GLU A 49 1.35 -35.83 36.69
N PRO A 50 2.03 -36.88 36.17
CA PRO A 50 1.28 -38.01 35.61
C PRO A 50 0.26 -38.60 36.59
N LYS A 51 -0.88 -39.01 36.04
CA LYS A 51 -1.96 -39.53 36.83
C LYS A 51 -1.50 -40.82 37.47
N LYS A 52 -1.58 -40.89 38.79
CA LYS A 52 -1.09 -42.06 39.51
C LYS A 52 -2.07 -43.21 39.40
N PRO A 53 -1.54 -44.43 39.18
CA PRO A 53 -2.31 -45.64 38.90
C PRO A 53 -3.40 -45.88 39.91
N TRP A 54 -4.59 -46.20 39.43
CA TRP A 54 -5.72 -46.45 40.30
C TRP A 54 -6.02 -47.97 40.31
N SER A 55 -6.66 -48.44 41.39
CA SER A 55 -7.16 -49.80 41.42
C SER A 55 -8.66 -49.78 41.10
N GLY A 56 -9.19 -50.89 40.60
CA GLY A 56 -10.58 -50.94 40.23
C GLY A 56 -10.81 -50.42 38.82
N VAL A 57 -12.07 -50.42 38.39
CA VAL A 57 -12.42 -49.95 37.05
C VAL A 57 -12.87 -48.49 37.04
N TRP A 58 -12.17 -47.68 36.25
CA TRP A 58 -12.54 -46.27 36.03
C TRP A 58 -13.77 -46.07 35.14
N ASN A 59 -14.82 -45.43 35.66
CA ASN A 59 -16.02 -45.13 34.87
C ASN A 59 -15.63 -44.14 33.80
N ALA A 60 -15.46 -44.65 32.59
CA ALA A 60 -15.19 -43.80 31.45
C ALA A 60 -16.40 -43.70 30.56
N SER A 61 -17.56 -43.54 31.19
CA SER A 61 -18.82 -43.58 30.45
C SER A 61 -19.37 -42.20 30.14
N THR A 62 -18.95 -41.18 30.91
CA THR A 62 -19.46 -39.82 30.72
C THR A 62 -18.36 -38.73 30.60
N TYR A 63 -18.64 -37.68 29.83
CA TYR A 63 -17.74 -36.53 29.72
C TYR A 63 -17.22 -36.02 31.08
N PRO A 64 -15.99 -35.51 31.11
CA PRO A 64 -15.41 -34.95 32.33
C PRO A 64 -15.77 -33.49 32.55
N ASN A 65 -15.33 -32.94 33.68
CA ASN A 65 -15.41 -31.53 33.93
C ASN A 65 -14.67 -30.72 32.85
N ASN A 66 -15.04 -29.45 32.73
CA ASN A 66 -14.36 -28.53 31.83
C ASN A 66 -13.43 -27.69 32.66
N CYS A 67 -12.40 -27.14 32.02
CA CYS A 67 -11.43 -26.35 32.75
C CYS A 67 -12.00 -24.98 33.09
N GLN A 68 -11.55 -24.42 34.21
CA GLN A 68 -11.97 -23.11 34.68
C GLN A 68 -11.62 -21.99 33.69
N GLN A 69 -12.64 -21.40 33.08
CA GLN A 69 -12.45 -20.42 32.02
C GLN A 69 -13.50 -19.29 32.07
N TYR A 70 -13.18 -18.14 31.47
CA TYR A 70 -14.15 -17.08 31.22
C TYR A 70 -15.31 -17.65 30.38
N VAL A 71 -16.55 -17.33 30.76
CA VAL A 71 -17.70 -17.91 30.07
C VAL A 71 -18.46 -16.84 29.33
N ASP A 72 -18.72 -17.05 28.05
CA ASP A 72 -19.27 -15.98 27.23
C ASP A 72 -20.76 -15.80 27.44
N GLU A 73 -21.19 -14.59 27.76
CA GLU A 73 -22.61 -14.33 28.00
C GLU A 73 -23.18 -13.18 27.19
N GLN A 74 -22.51 -12.81 26.10
CA GLN A 74 -22.99 -11.75 25.25
C GLN A 74 -24.39 -12.05 24.75
N PHE A 75 -24.58 -13.27 24.31
CA PHE A 75 -25.83 -13.67 23.68
C PHE A 75 -26.34 -14.90 24.36
N PRO A 76 -26.98 -14.73 25.52
CA PRO A 76 -27.48 -15.87 26.28
C PRO A 76 -28.61 -16.55 25.51
N GLY A 77 -28.65 -17.88 25.56
CA GLY A 77 -29.61 -18.64 24.79
C GLY A 77 -29.17 -18.90 23.37
N PHE A 78 -28.38 -17.97 22.83
CA PHE A 78 -28.00 -17.99 21.43
C PHE A 78 -27.01 -19.10 21.08
N SER A 79 -27.41 -19.98 20.18
CA SER A 79 -26.68 -21.22 19.92
C SER A 79 -25.31 -20.96 19.32
N GLY A 80 -25.19 -19.88 18.55
CA GLY A 80 -23.97 -19.56 17.83
C GLY A 80 -22.80 -19.20 18.71
N SER A 81 -23.07 -18.74 19.92
CA SER A 81 -22.01 -18.46 20.88
C SER A 81 -22.02 -19.47 22.01
N GLU A 82 -23.19 -20.03 22.29
CA GLU A 82 -23.31 -20.93 23.43
C GLU A 82 -22.69 -22.30 23.12
N MET A 83 -22.62 -22.65 21.84
CA MET A 83 -21.95 -23.88 21.41
C MET A 83 -20.45 -23.91 21.74
N TRP A 84 -19.85 -22.77 22.06
CA TRP A 84 -18.42 -22.73 22.37
C TRP A 84 -18.18 -22.74 23.87
N ASN A 85 -19.21 -22.39 24.63
CA ASN A 85 -19.13 -22.35 26.09
C ASN A 85 -19.11 -23.75 26.70
N PRO A 86 -18.56 -23.89 27.92
CA PRO A 86 -18.57 -25.17 28.63
C PRO A 86 -19.96 -25.80 28.65
N ASN A 87 -20.05 -27.09 28.35
CA ASN A 87 -21.31 -27.78 28.47
C ASN A 87 -21.35 -28.75 29.64
N ARG A 88 -20.47 -28.51 30.60
CA ARG A 88 -20.55 -29.17 31.91
C ARG A 88 -19.74 -28.46 32.98
N GLU A 89 -19.75 -29.05 34.17
CA GLU A 89 -19.19 -28.40 35.34
C GLU A 89 -17.74 -27.97 35.13
N MET A 90 -17.42 -26.75 35.52
CA MET A 90 -16.07 -26.26 35.47
C MET A 90 -15.34 -26.59 36.75
N SER A 91 -14.09 -27.05 36.61
CA SER A 91 -13.26 -27.39 37.75
C SER A 91 -11.78 -27.28 37.36
N GLU A 92 -10.93 -27.13 38.35
CA GLU A 92 -9.50 -27.19 38.13
C GLU A 92 -9.06 -28.63 37.91
N ASP A 93 -9.93 -29.55 38.29
CA ASP A 93 -9.71 -30.96 38.07
C ASP A 93 -10.35 -31.26 36.71
N CYS A 94 -9.59 -31.02 35.65
CA CYS A 94 -10.13 -31.02 34.30
C CYS A 94 -9.19 -31.67 33.30
N LEU A 95 -8.10 -32.22 33.81
CA LEU A 95 -7.08 -32.85 32.95
C LEU A 95 -7.47 -34.26 32.47
N TYR A 96 -8.50 -34.31 31.64
CA TYR A 96 -9.03 -35.56 31.14
C TYR A 96 -8.98 -35.61 29.60
N LEU A 97 -9.08 -36.81 29.04
CA LEU A 97 -9.15 -36.99 27.60
C LEU A 97 -10.27 -37.98 27.25
N ASN A 98 -10.69 -37.99 25.98
CA ASN A 98 -11.75 -38.88 25.50
C ASN A 98 -11.33 -39.62 24.24
N ILE A 99 -11.81 -40.84 24.05
CA ILE A 99 -11.42 -41.70 22.95
C ILE A 99 -12.63 -42.39 22.31
N TRP A 100 -12.70 -42.32 20.98
CA TRP A 100 -13.72 -43.06 20.22
C TRP A 100 -13.01 -44.13 19.42
N VAL A 101 -13.40 -45.39 19.66
CA VAL A 101 -12.82 -46.54 18.96
C VAL A 101 -13.86 -47.19 18.07
N PRO A 102 -13.56 -47.33 16.77
CA PRO A 102 -14.51 -48.02 15.88
C PRO A 102 -14.78 -49.45 16.36
N SER A 103 -15.99 -49.92 16.13
CA SER A 103 -16.41 -51.23 16.63
C SER A 103 -16.72 -52.11 15.44
N PRO A 104 -15.99 -53.23 15.29
CA PRO A 104 -15.00 -53.78 16.23
C PRO A 104 -13.62 -53.10 16.27
N ARG A 105 -12.94 -53.24 17.42
CA ARG A 105 -11.65 -52.61 17.62
C ARG A 105 -10.62 -53.03 16.59
N PRO A 106 -10.11 -52.05 15.83
CA PRO A 106 -9.11 -52.35 14.80
C PRO A 106 -7.77 -52.72 15.41
N LYS A 107 -6.83 -53.17 14.59
CA LYS A 107 -5.46 -53.40 15.03
C LYS A 107 -4.54 -52.37 14.39
N SER A 108 -3.73 -51.72 15.22
CA SER A 108 -2.73 -50.76 14.74
C SER A 108 -3.29 -49.73 13.74
N THR A 109 -4.43 -49.11 14.05
CA THR A 109 -5.02 -48.12 13.15
C THR A 109 -4.54 -46.69 13.45
N THR A 110 -4.73 -45.79 12.49
CA THR A 110 -4.24 -44.41 12.60
C THR A 110 -4.93 -43.65 13.72
N VAL A 111 -4.15 -42.90 14.50
CA VAL A 111 -4.73 -42.12 15.59
C VAL A 111 -4.78 -40.62 15.25
N MET A 112 -5.88 -39.97 15.65
CA MET A 112 -6.00 -38.52 15.51
C MET A 112 -6.36 -37.88 16.84
N VAL A 113 -5.48 -37.01 17.35
CA VAL A 113 -5.69 -36.30 18.61
C VAL A 113 -6.20 -34.86 18.40
N TRP A 114 -7.45 -34.59 18.72
CA TRP A 114 -7.98 -33.22 18.68
C TRP A 114 -7.47 -32.31 19.79
N ILE A 115 -7.05 -31.09 19.45
CA ILE A 115 -6.69 -30.09 20.46
C ILE A 115 -7.48 -28.78 20.27
N TYR A 116 -8.43 -28.52 21.17
CA TYR A 116 -9.38 -27.40 21.05
C TYR A 116 -8.75 -26.00 21.09
N GLY A 117 -9.40 -25.06 20.40
CA GLY A 117 -9.00 -23.67 20.44
C GLY A 117 -9.70 -22.94 21.56
N GLY A 118 -9.77 -21.61 21.45
CA GLY A 118 -10.37 -20.77 22.47
C GLY A 118 -9.38 -19.76 23.01
N GLY A 119 -8.43 -19.35 22.16
CA GLY A 119 -7.49 -18.28 22.45
C GLY A 119 -6.61 -18.43 23.67
N PHE A 120 -6.44 -19.69 24.12
CA PHE A 120 -5.77 -20.06 25.37
C PHE A 120 -6.45 -19.62 26.68
N TYR A 121 -7.65 -19.05 26.58
CA TYR A 121 -8.34 -18.58 27.79
C TYR A 121 -9.59 -19.44 28.05
N SER A 122 -9.98 -20.22 27.06
CA SER A 122 -11.20 -21.01 27.10
C SER A 122 -11.09 -22.18 26.15
N GLY A 123 -12.16 -22.94 26.01
CA GLY A 123 -12.17 -24.14 25.19
C GLY A 123 -12.47 -25.39 26.01
N SER A 124 -13.07 -26.40 25.38
CA SER A 124 -13.43 -27.65 26.07
C SER A 124 -13.41 -28.81 25.08
N SER A 125 -13.15 -30.02 25.59
CA SER A 125 -13.12 -31.23 24.76
C SER A 125 -14.51 -31.84 24.62
N THR A 126 -15.40 -31.47 25.53
CA THR A 126 -16.72 -32.08 25.62
C THR A 126 -17.76 -31.36 24.79
N LEU A 127 -17.35 -30.36 23.99
CA LEU A 127 -18.31 -29.63 23.18
C LEU A 127 -18.96 -30.57 22.17
N ASP A 128 -20.17 -30.24 21.76
CA ASP A 128 -20.85 -31.04 20.75
C ASP A 128 -20.10 -31.07 19.43
N VAL A 129 -19.54 -29.95 18.96
CA VAL A 129 -18.84 -29.96 17.68
C VAL A 129 -17.58 -30.82 17.67
N TYR A 130 -17.05 -31.14 18.84
CA TYR A 130 -15.86 -31.99 18.90
C TYR A 130 -16.24 -33.43 19.25
N ASN A 131 -17.47 -33.83 18.91
CA ASN A 131 -17.92 -35.21 19.11
C ASN A 131 -17.21 -36.14 18.14
N GLY A 132 -16.31 -36.96 18.64
CA GLY A 132 -15.44 -37.72 17.78
C GLY A 132 -16.07 -38.90 17.07
N LYS A 133 -17.32 -39.23 17.40
CA LYS A 133 -17.91 -40.48 16.94
C LYS A 133 -18.07 -40.61 15.43
N TYR A 134 -18.48 -39.52 14.77
CA TYR A 134 -18.73 -39.53 13.34
C TYR A 134 -17.47 -39.75 12.54
N LEU A 135 -16.40 -39.04 12.93
CA LEU A 135 -15.13 -39.11 12.22
C LEU A 135 -14.44 -40.45 12.49
N ALA A 136 -14.46 -40.87 13.75
CA ALA A 136 -13.85 -42.14 14.15
C ALA A 136 -14.52 -43.31 13.44
N TYR A 137 -15.85 -43.22 13.27
CA TYR A 137 -16.64 -44.27 12.61
C TYR A 137 -16.60 -44.24 11.08
N THR A 138 -16.71 -43.05 10.51
CA THR A 138 -16.75 -42.91 9.06
C THR A 138 -15.38 -43.22 8.44
N GLU A 139 -14.32 -42.81 9.12
CA GLU A 139 -12.99 -42.93 8.57
C GLU A 139 -12.14 -44.00 9.26
N GLU A 140 -12.78 -44.79 10.12
CA GLU A 140 -12.12 -45.87 10.86
C GLU A 140 -10.75 -45.50 11.42
N VAL A 141 -10.73 -44.45 12.24
CA VAL A 141 -9.54 -44.02 12.96
C VAL A 141 -9.89 -44.02 14.43
N VAL A 142 -8.87 -44.13 15.27
CA VAL A 142 -9.05 -43.99 16.70
C VAL A 142 -8.97 -42.50 16.98
N LEU A 143 -10.08 -41.91 17.43
CA LEU A 143 -10.10 -40.47 17.66
C LEU A 143 -9.99 -40.07 19.13
N VAL A 144 -8.94 -39.30 19.45
CA VAL A 144 -8.74 -38.79 20.81
C VAL A 144 -8.92 -37.28 20.90
N SER A 145 -9.68 -36.79 21.88
CA SER A 145 -9.65 -35.36 22.23
C SER A 145 -9.10 -35.12 23.64
N LEU A 146 -7.99 -34.39 23.71
CA LEU A 146 -7.34 -34.08 24.98
C LEU A 146 -7.93 -32.82 25.64
N SER A 147 -7.28 -32.37 26.71
CA SER A 147 -7.64 -31.12 27.35
C SER A 147 -6.41 -30.51 28.00
N TYR A 148 -6.50 -29.24 28.35
CA TYR A 148 -5.36 -28.54 28.94
C TYR A 148 -5.87 -27.33 29.75
N ARG A 149 -5.07 -26.90 30.71
CA ARG A 149 -5.38 -25.72 31.50
C ARG A 149 -5.32 -24.43 30.64
N VAL A 150 -6.30 -23.54 30.84
CA VAL A 150 -6.41 -22.31 30.09
C VAL A 150 -6.41 -21.12 31.03
N GLY A 151 -6.24 -19.93 30.47
CA GLY A 151 -6.16 -18.72 31.26
C GLY A 151 -4.96 -18.76 32.17
N ALA A 152 -5.02 -18.03 33.27
CA ALA A 152 -3.94 -18.04 34.26
C ALA A 152 -3.55 -19.47 34.70
N PHE A 153 -4.54 -20.33 34.89
CA PHE A 153 -4.29 -21.70 35.36
C PHE A 153 -3.32 -22.44 34.44
N GLY A 154 -3.43 -22.15 33.15
CA GLY A 154 -2.57 -22.79 32.17
C GLY A 154 -1.29 -22.02 31.85
N PHE A 155 -1.36 -20.69 31.84
CA PHE A 155 -0.27 -19.93 31.23
C PHE A 155 0.32 -18.77 32.01
N LEU A 156 -0.11 -18.59 33.26
CA LEU A 156 0.57 -17.68 34.14
C LEU A 156 2.06 -18.02 34.17
N ALA A 157 2.88 -17.04 33.83
CA ALA A 157 4.30 -17.25 33.61
C ALA A 157 5.15 -16.28 34.41
N LEU A 158 5.93 -16.84 35.31
CA LEU A 158 6.85 -16.09 36.16
C LEU A 158 8.21 -16.75 36.00
N HIS A 159 8.84 -16.55 34.85
CA HIS A 159 10.08 -17.22 34.50
C HIS A 159 11.10 -17.23 35.63
N GLY A 160 11.69 -18.40 35.89
CA GLY A 160 12.68 -18.54 36.93
C GLY A 160 12.10 -19.19 38.16
N SER A 161 10.79 -19.13 38.30
CA SER A 161 10.09 -19.85 39.36
C SER A 161 9.82 -21.26 38.85
N GLN A 162 9.95 -22.26 39.72
CA GLN A 162 9.54 -23.60 39.34
C GLN A 162 8.12 -23.85 39.82
N GLU A 163 7.54 -22.84 40.45
CA GLU A 163 6.17 -22.95 40.97
C GLU A 163 5.14 -22.48 39.95
N ALA A 164 5.52 -21.49 39.14
CA ALA A 164 4.68 -21.05 38.02
C ALA A 164 5.58 -20.64 36.86
N PRO A 165 6.08 -21.63 36.10
CA PRO A 165 7.05 -21.42 35.02
C PRO A 165 6.45 -20.86 33.73
N GLY A 166 5.17 -21.13 33.51
CA GLY A 166 4.55 -20.78 32.26
C GLY A 166 4.46 -22.02 31.41
N ASN A 167 3.61 -21.97 30.40
CA ASN A 167 3.52 -23.04 29.41
C ASN A 167 2.96 -24.35 29.92
N VAL A 168 2.58 -24.42 31.20
CA VAL A 168 2.09 -25.67 31.77
C VAL A 168 0.88 -26.20 31.02
N GLY A 169 0.07 -25.29 30.47
CA GLY A 169 -1.04 -25.67 29.60
C GLY A 169 -0.61 -26.46 28.37
N LEU A 170 0.52 -26.09 27.78
CA LEU A 170 1.07 -26.88 26.68
C LEU A 170 1.62 -28.20 27.22
N LEU A 171 2.23 -28.17 28.40
CA LEU A 171 2.74 -29.37 29.03
C LEU A 171 1.64 -30.39 29.31
N ASP A 172 0.46 -29.93 29.71
CA ASP A 172 -0.71 -30.79 29.82
C ASP A 172 -0.97 -31.53 28.51
N GLN A 173 -0.94 -30.79 27.41
CA GLN A 173 -1.17 -31.37 26.10
C GLN A 173 -0.11 -32.42 25.82
N ARG A 174 1.14 -32.09 26.15
CA ARG A 174 2.26 -33.00 25.99
C ARG A 174 2.08 -34.28 26.82
N MET A 175 1.57 -34.13 28.04
CA MET A 175 1.35 -35.29 28.89
C MET A 175 0.24 -36.18 28.35
N ALA A 176 -0.82 -35.56 27.87
CA ALA A 176 -1.84 -36.32 27.16
C ALA A 176 -1.25 -37.00 25.92
N LEU A 177 -0.42 -36.30 25.15
CA LEU A 177 0.22 -36.92 24.00
C LEU A 177 1.09 -38.11 24.43
N GLN A 178 1.79 -37.93 25.54
CA GLN A 178 2.60 -38.98 26.13
C GLN A 178 1.74 -40.14 26.63
N TRP A 179 0.54 -39.84 27.09
CA TRP A 179 -0.36 -40.87 27.55
C TRP A 179 -0.78 -41.71 26.36
N VAL A 180 -1.09 -41.04 25.24
CA VAL A 180 -1.51 -41.71 24.01
C VAL A 180 -0.39 -42.64 23.51
N HIS A 181 0.84 -42.17 23.58
CA HIS A 181 1.98 -42.94 23.14
C HIS A 181 2.13 -44.25 23.92
N ASP A 182 1.73 -44.22 25.19
CA ASP A 182 1.88 -45.38 26.07
C ASP A 182 0.67 -46.33 26.09
N ASN A 183 -0.50 -45.82 25.74
CA ASN A 183 -1.73 -46.56 25.95
C ASN A 183 -2.64 -46.73 24.74
N ILE A 184 -2.40 -45.97 23.67
CA ILE A 184 -3.30 -46.03 22.52
C ILE A 184 -3.29 -47.41 21.86
N GLN A 185 -2.19 -48.15 22.00
CA GLN A 185 -2.12 -49.50 21.43
C GLN A 185 -3.13 -50.42 22.10
N PHE A 186 -3.45 -50.15 23.36
CA PHE A 186 -4.43 -50.94 24.09
C PHE A 186 -5.82 -50.70 23.55
N PHE A 187 -5.97 -49.69 22.69
CA PHE A 187 -7.27 -49.35 22.10
C PHE A 187 -7.35 -49.65 20.61
N GLY A 188 -6.31 -50.29 20.07
CA GLY A 188 -6.29 -50.58 18.65
C GLY A 188 -5.69 -49.44 17.86
N GLY A 189 -4.96 -48.57 18.57
CA GLY A 189 -4.28 -47.44 17.95
C GLY A 189 -2.79 -47.67 17.76
N ASP A 190 -2.28 -47.25 16.61
CA ASP A 190 -0.86 -47.31 16.31
C ASP A 190 -0.15 -46.05 16.84
N PRO A 191 0.63 -46.19 17.91
CA PRO A 191 1.27 -45.00 18.48
C PRO A 191 2.36 -44.46 17.58
N LYS A 192 2.69 -45.18 16.50
CA LYS A 192 3.68 -44.73 15.54
C LYS A 192 3.02 -43.91 14.42
N THR A 193 1.69 -43.88 14.42
CA THR A 193 0.96 -43.11 13.42
C THR A 193 -0.10 -42.20 14.08
N VAL A 194 0.39 -41.26 14.88
CA VAL A 194 -0.50 -40.29 15.54
C VAL A 194 -0.45 -38.94 14.82
N THR A 195 -1.60 -38.47 14.34
CA THR A 195 -1.76 -37.11 13.82
C THR A 195 -2.38 -36.20 14.88
N ILE A 196 -1.65 -35.14 15.24
CA ILE A 196 -2.24 -34.11 16.07
C ILE A 196 -2.95 -33.08 15.18
N PHE A 197 -4.08 -32.58 15.67
CA PHE A 197 -4.78 -31.50 14.98
C PHE A 197 -5.59 -30.62 15.92
N GLY A 198 -5.72 -29.35 15.55
CA GLY A 198 -6.46 -28.40 16.34
C GLY A 198 -6.73 -27.10 15.60
N GLU A 199 -7.73 -26.34 16.06
CA GLU A 199 -8.11 -25.13 15.38
C GLU A 199 -7.82 -23.91 16.25
N SER A 200 -7.57 -22.79 15.60
CA SER A 200 -7.27 -21.53 16.28
C SER A 200 -6.14 -21.70 17.28
N ALA A 201 -6.43 -21.51 18.56
CA ALA A 201 -5.42 -21.73 19.60
C ALA A 201 -4.90 -23.17 19.49
N GLY A 202 -5.80 -24.11 19.20
CA GLY A 202 -5.41 -25.49 19.01
C GLY A 202 -4.45 -25.63 17.84
N GLY A 203 -4.73 -24.92 16.76
CA GLY A 203 -3.82 -24.84 15.63
C GLY A 203 -2.44 -24.39 16.05
N ALA A 204 -2.35 -23.24 16.70
CA ALA A 204 -1.07 -22.73 17.19
C ALA A 204 -0.33 -23.76 18.06
N SER A 205 -1.08 -24.43 18.94
CA SER A 205 -0.55 -25.46 19.83
C SER A 205 0.13 -26.60 19.06
N VAL A 206 -0.58 -27.13 18.06
CA VAL A 206 -0.05 -28.10 17.12
C VAL A 206 1.32 -27.63 16.59
N GLY A 207 1.36 -26.40 16.09
CA GLY A 207 2.59 -25.82 15.62
C GLY A 207 3.62 -25.73 16.73
N MET A 208 3.18 -25.41 17.94
CA MET A 208 4.11 -25.26 19.03
C MET A 208 4.79 -26.59 19.41
N HIS A 209 4.06 -27.69 19.24
CA HIS A 209 4.59 -29.01 19.50
C HIS A 209 5.53 -29.43 18.38
N ILE A 210 5.31 -28.87 17.19
CA ILE A 210 6.22 -29.07 16.09
C ILE A 210 7.57 -28.43 16.42
N LEU A 211 7.54 -27.18 16.87
CA LEU A 211 8.78 -26.49 17.24
C LEU A 211 9.46 -27.11 18.47
N SER A 212 8.69 -27.35 19.53
CA SER A 212 9.25 -27.80 20.80
C SER A 212 9.92 -29.16 20.67
N PRO A 213 11.19 -29.28 21.11
CA PRO A 213 11.95 -30.55 21.06
C PRO A 213 11.38 -31.64 21.99
N GLY A 214 10.99 -31.27 23.20
CA GLY A 214 10.35 -32.21 24.10
C GLY A 214 9.00 -32.73 23.63
N SER A 215 8.50 -32.21 22.50
CA SER A 215 7.22 -32.66 21.98
C SER A 215 7.30 -33.46 20.70
N ARG A 216 8.43 -33.37 20.00
CA ARG A 216 8.53 -33.89 18.63
C ARG A 216 8.29 -35.38 18.44
N ASP A 217 8.63 -36.19 19.43
CA ASP A 217 8.60 -37.63 19.23
C ASP A 217 7.27 -38.25 19.62
N LEU A 218 6.36 -37.40 20.11
CA LEU A 218 5.08 -37.88 20.60
C LEU A 218 3.96 -37.80 19.58
N PHE A 219 4.33 -37.61 18.31
CA PHE A 219 3.34 -37.59 17.22
C PHE A 219 4.08 -37.71 15.91
N ARG A 220 3.35 -38.08 14.85
CA ARG A 220 3.91 -38.30 13.53
C ARG A 220 3.74 -37.10 12.59
N ARG A 221 2.50 -36.66 12.40
CA ARG A 221 2.14 -35.56 11.51
C ARG A 221 1.21 -34.56 12.19
N ALA A 222 0.91 -33.48 11.49
CA ALA A 222 0.26 -32.32 12.09
C ALA A 222 -0.73 -31.66 11.15
N ILE A 223 -1.93 -31.36 11.65
CA ILE A 223 -2.90 -30.55 10.95
C ILE A 223 -3.18 -29.28 11.75
N LEU A 224 -3.07 -28.12 11.09
CA LEU A 224 -3.29 -26.82 11.75
C LEU A 224 -4.43 -26.06 11.10
N GLN A 225 -5.51 -25.82 11.82
CA GLN A 225 -6.64 -25.11 11.24
C GLN A 225 -6.76 -23.71 11.81
N SER A 226 -6.66 -22.69 10.94
CA SER A 226 -6.90 -21.31 11.33
C SER A 226 -6.08 -20.89 12.54
N GLY A 227 -4.85 -21.36 12.64
CA GLY A 227 -3.97 -20.95 13.70
C GLY A 227 -2.58 -21.45 13.38
N SER A 228 -1.56 -20.78 13.90
CA SER A 228 -0.17 -21.21 13.75
C SER A 228 0.65 -20.65 14.90
N PRO A 229 1.82 -21.25 15.19
CA PRO A 229 2.50 -20.90 16.45
C PRO A 229 2.96 -19.45 16.51
N ASN A 230 3.23 -18.86 15.36
CA ASN A 230 3.78 -17.52 15.27
C ASN A 230 2.73 -16.39 15.27
N CYS A 231 1.45 -16.75 15.41
CA CYS A 231 0.38 -15.75 15.54
C CYS A 231 0.67 -14.73 16.63
N PRO A 232 0.35 -13.45 16.35
CA PRO A 232 0.63 -12.32 17.25
C PRO A 232 -0.03 -12.48 18.62
N TRP A 233 -1.18 -13.14 18.65
CA TRP A 233 -1.93 -13.30 19.89
C TRP A 233 -1.50 -14.56 20.66
N ALA A 234 -0.52 -15.27 20.13
CA ALA A 234 -0.32 -16.65 20.55
C ALA A 234 0.88 -16.91 21.45
N SER A 235 1.64 -15.86 21.78
CA SER A 235 2.77 -15.97 22.71
C SER A 235 3.17 -14.62 23.26
N VAL A 236 4.00 -14.62 24.28
CA VAL A 236 4.53 -13.39 24.85
C VAL A 236 5.95 -13.66 25.35
N SER A 237 6.72 -12.59 25.49
CA SER A 237 8.07 -12.69 26.04
C SER A 237 8.00 -13.06 27.52
N VAL A 238 9.14 -13.33 28.15
CA VAL A 238 9.09 -13.62 29.57
C VAL A 238 8.82 -12.33 30.32
N ALA A 239 9.40 -11.24 29.84
CA ALA A 239 9.16 -9.92 30.43
C ALA A 239 7.68 -9.57 30.46
N GLU A 240 6.96 -9.90 29.38
CA GLU A 240 5.56 -9.52 29.26
C GLU A 240 4.66 -10.44 30.10
N GLY A 241 5.02 -11.73 30.15
CA GLY A 241 4.30 -12.71 30.95
C GLY A 241 4.45 -12.36 32.40
N ARG A 242 5.66 -11.97 32.79
CA ARG A 242 5.90 -11.58 34.16
C ARG A 242 5.05 -10.37 34.50
N ARG A 243 5.07 -9.37 33.62
CA ARG A 243 4.32 -8.15 33.86
C ARG A 243 2.83 -8.41 34.01
N ARG A 244 2.29 -9.31 33.20
CA ARG A 244 0.86 -9.61 33.29
C ARG A 244 0.54 -10.36 34.56
N ALA A 245 1.44 -11.27 34.94
CA ALA A 245 1.34 -12.05 36.17
C ALA A 245 1.36 -11.13 37.37
N VAL A 246 2.38 -10.29 37.44
CA VAL A 246 2.48 -9.31 38.52
C VAL A 246 1.24 -8.41 38.55
N GLU A 247 0.79 -7.96 37.38
CA GLU A 247 -0.40 -7.13 37.30
C GLU A 247 -1.65 -7.90 37.71
N LEU A 248 -1.62 -9.22 37.60
CA LEU A 248 -2.77 -10.01 38.08
C LEU A 248 -2.84 -9.99 39.60
N GLY A 249 -1.68 -10.08 40.25
CA GLY A 249 -1.60 -9.98 41.69
C GLY A 249 -2.14 -8.64 42.15
N ARG A 250 -1.74 -7.59 41.45
CA ARG A 250 -2.16 -6.24 41.76
C ARG A 250 -3.68 -6.10 41.77
N ASN A 251 -4.36 -6.65 40.79
CA ASN A 251 -5.82 -6.59 40.74
C ASN A 251 -6.52 -7.30 41.91
N LEU A 252 -5.78 -8.08 42.67
CA LEU A 252 -6.36 -8.86 43.74
C LEU A 252 -5.68 -8.59 45.08
N ASN A 253 -5.02 -7.44 45.18
CA ASN A 253 -4.39 -7.03 46.42
C ASN A 253 -3.32 -8.01 46.93
N CYS A 254 -2.64 -8.70 46.02
CA CYS A 254 -1.63 -9.67 46.42
C CYS A 254 -0.32 -9.02 46.80
N ASN A 255 0.48 -9.76 47.56
CA ASN A 255 1.84 -9.35 47.86
C ASN A 255 2.68 -9.55 46.62
N LEU A 256 3.39 -8.51 46.18
CA LEU A 256 4.13 -8.58 44.93
C LEU A 256 5.65 -8.46 45.10
N ASN A 257 6.16 -8.69 46.30
CA ASN A 257 7.59 -8.49 46.54
C ASN A 257 8.43 -9.63 45.99
N SER A 258 7.83 -10.81 45.89
CA SER A 258 8.51 -11.98 45.37
C SER A 258 7.54 -12.94 44.72
N ASP A 259 8.08 -13.83 43.90
CA ASP A 259 7.24 -14.79 43.20
C ASP A 259 6.54 -15.70 44.19
N GLU A 260 7.29 -16.18 45.18
CA GLU A 260 6.72 -17.08 46.17
C GLU A 260 5.53 -16.41 46.86
N GLU A 261 5.72 -15.17 47.30
CA GLU A 261 4.64 -14.42 47.92
C GLU A 261 3.51 -14.15 46.94
N LEU A 262 3.88 -13.74 45.73
CA LEU A 262 2.89 -13.53 44.67
C LEU A 262 2.12 -14.81 44.35
N ILE A 263 2.84 -15.91 44.20
CA ILE A 263 2.25 -17.19 43.84
C ILE A 263 1.35 -17.71 44.96
N HIS A 264 1.88 -17.71 46.19
CA HIS A 264 1.12 -18.15 47.35
C HIS A 264 -0.20 -17.38 47.47
N CYS A 265 -0.15 -16.08 47.21
CA CYS A 265 -1.34 -15.25 47.24
C CYS A 265 -2.39 -15.75 46.25
N LEU A 266 -2.00 -15.83 44.98
CA LEU A 266 -2.89 -16.25 43.90
C LEU A 266 -3.47 -17.66 44.07
N ARG A 267 -2.74 -18.50 44.81
CA ARG A 267 -3.22 -19.86 45.09
C ARG A 267 -4.37 -19.91 46.11
N GLU A 268 -4.48 -18.92 47.01
CA GLU A 268 -5.60 -18.88 47.97
C GLU A 268 -6.91 -18.45 47.32
N LYS A 269 -6.82 -17.69 46.23
CA LYS A 269 -7.96 -17.13 45.55
C LYS A 269 -8.75 -18.23 44.88
N LYS A 270 -10.05 -18.04 44.77
CA LYS A 270 -10.92 -18.99 44.09
C LYS A 270 -10.76 -18.77 42.60
N PRO A 271 -11.04 -19.80 41.79
CA PRO A 271 -10.83 -19.68 40.34
C PRO A 271 -11.48 -18.46 39.70
N GLN A 272 -12.77 -18.25 39.93
CA GLN A 272 -13.46 -17.14 39.27
C GLN A 272 -12.95 -15.77 39.70
N GLU A 273 -12.32 -15.70 40.87
CA GLU A 273 -11.67 -14.46 41.28
C GLU A 273 -10.60 -14.07 40.27
N LEU A 274 -9.81 -15.05 39.83
CA LEU A 274 -8.76 -14.85 38.83
C LEU A 274 -9.39 -14.44 37.52
N ILE A 275 -10.25 -15.31 37.03
CA ILE A 275 -10.99 -15.08 35.81
C ILE A 275 -11.65 -13.70 35.76
N ASP A 276 -12.18 -13.23 36.90
CA ASP A 276 -12.96 -11.98 36.94
C ASP A 276 -12.12 -10.80 36.48
N VAL A 277 -10.84 -10.81 36.86
CA VAL A 277 -9.96 -9.70 36.58
C VAL A 277 -8.99 -10.00 35.43
N GLU A 278 -9.19 -11.12 34.74
CA GLU A 278 -8.23 -11.65 33.79
C GLU A 278 -7.95 -10.69 32.63
N TRP A 279 -9.01 -10.11 32.08
CA TRP A 279 -8.88 -9.24 30.93
C TRP A 279 -8.15 -7.94 31.26
N ASN A 280 -8.11 -7.60 32.54
CA ASN A 280 -7.57 -6.32 32.98
C ASN A 280 -6.05 -6.19 32.84
N VAL A 281 -5.34 -7.29 32.61
CA VAL A 281 -3.87 -7.21 32.54
C VAL A 281 -3.34 -7.00 31.13
N LEU A 282 -4.24 -7.01 30.15
CA LEU A 282 -3.86 -6.68 28.79
C LEU A 282 -3.34 -5.25 28.80
N PRO A 283 -2.25 -4.99 28.06
CA PRO A 283 -1.66 -3.66 27.98
C PRO A 283 -2.52 -2.69 27.16
N PHE A 284 -3.09 -3.14 26.05
CA PHE A 284 -3.84 -2.25 25.17
C PHE A 284 -5.33 -2.55 25.14
N ASP A 285 -6.11 -1.54 24.77
CA ASP A 285 -7.48 -1.77 24.34
C ASP A 285 -7.38 -2.49 23.01
N SER A 286 -7.78 -3.75 22.99
CA SER A 286 -7.50 -4.58 21.82
C SER A 286 -8.57 -5.60 21.56
N ILE A 287 -8.57 -6.14 20.35
CA ILE A 287 -9.35 -7.33 20.02
C ILE A 287 -8.41 -8.44 19.54
N PHE A 288 -8.81 -9.70 19.71
CA PHE A 288 -8.02 -10.87 19.31
C PHE A 288 -6.72 -10.89 20.08
N ARG A 289 -6.82 -10.55 21.35
CA ARG A 289 -5.69 -10.58 22.27
C ARG A 289 -6.17 -11.24 23.55
N PHE A 290 -5.30 -12.04 24.16
CA PHE A 290 -5.71 -12.83 25.32
C PHE A 290 -4.60 -12.74 26.36
N SER A 291 -4.98 -12.74 27.64
CA SER A 291 -4.05 -12.41 28.71
C SER A 291 -2.97 -13.47 28.98
N PHE A 292 -3.38 -14.74 29.15
CA PHE A 292 -2.44 -15.78 29.54
C PHE A 292 -2.22 -16.84 28.48
N VAL A 293 -1.09 -16.70 27.79
CA VAL A 293 -0.74 -17.43 26.58
C VAL A 293 0.69 -17.92 26.77
N PRO A 294 1.14 -18.87 25.90
CA PRO A 294 2.51 -19.40 25.96
C PRO A 294 3.61 -18.34 26.05
N VAL A 295 4.72 -18.69 26.69
CA VAL A 295 5.88 -17.80 26.80
C VAL A 295 7.06 -18.37 26.05
N ILE A 296 7.85 -17.49 25.44
CA ILE A 296 9.11 -17.89 24.85
C ILE A 296 10.11 -17.95 25.98
N ASP A 297 10.29 -19.15 26.53
CA ASP A 297 10.94 -19.32 27.83
C ASP A 297 12.38 -19.82 27.74
N GLY A 298 12.77 -20.33 26.59
CA GLY A 298 14.10 -20.87 26.43
C GLY A 298 14.13 -22.35 26.75
N GLU A 299 12.98 -22.89 27.15
CA GLU A 299 12.89 -24.28 27.59
C GLU A 299 11.93 -25.11 26.74
N PHE A 300 10.64 -24.78 26.78
CA PHE A 300 9.70 -25.39 25.84
C PHE A 300 10.06 -24.95 24.43
N PHE A 301 10.37 -23.66 24.27
CA PHE A 301 10.89 -23.13 23.02
C PHE A 301 12.33 -22.67 23.30
N PRO A 302 13.32 -23.40 22.78
CA PRO A 302 14.74 -23.13 23.03
C PRO A 302 15.14 -21.69 22.67
N THR A 303 14.70 -21.23 21.50
CA THR A 303 14.96 -19.87 21.04
C THR A 303 13.67 -19.34 20.44
N SER A 304 13.67 -18.07 20.03
CA SER A 304 12.52 -17.45 19.40
C SER A 304 11.90 -18.28 18.30
N LEU A 305 10.58 -18.19 18.15
CA LEU A 305 9.89 -18.89 17.07
C LEU A 305 10.49 -18.67 15.68
N GLU A 306 10.74 -17.41 15.34
CA GLU A 306 11.30 -17.07 14.03
C GLU A 306 12.65 -17.74 13.75
N SER A 307 13.56 -17.66 14.71
CA SER A 307 14.87 -18.27 14.57
C SER A 307 14.78 -19.78 14.41
N MET A 308 13.88 -20.42 15.16
CA MET A 308 13.67 -21.86 15.03
C MET A 308 13.16 -22.17 13.64
N LEU A 309 12.16 -21.41 13.20
CA LEU A 309 11.68 -21.53 11.84
C LEU A 309 12.82 -21.32 10.82
N ASN A 310 13.65 -20.31 11.04
CA ASN A 310 14.75 -20.03 10.11
C ASN A 310 15.79 -21.14 10.03
N SER A 311 16.24 -21.62 11.18
CA SER A 311 17.32 -22.62 11.23
C SER A 311 16.84 -24.05 10.94
N GLY A 312 15.53 -24.23 10.77
CA GLY A 312 14.99 -25.55 10.50
C GLY A 312 14.91 -26.41 11.75
N ASN A 313 15.06 -25.77 12.91
CA ASN A 313 14.95 -26.42 14.20
C ASN A 313 13.50 -26.76 14.60
N PHE A 314 12.96 -27.78 13.96
CA PHE A 314 11.61 -28.23 14.29
C PHE A 314 11.40 -29.61 13.72
N LYS A 315 10.26 -30.20 14.02
CA LYS A 315 9.93 -31.53 13.50
C LYS A 315 9.72 -31.48 12.00
N LYS A 316 10.37 -32.38 11.28
CA LYS A 316 10.23 -32.42 9.84
C LYS A 316 9.37 -33.58 9.40
N THR A 317 8.18 -33.28 8.89
CA THR A 317 7.22 -34.30 8.50
C THR A 317 6.22 -33.70 7.53
N GLN A 318 4.99 -34.20 7.56
CA GLN A 318 3.94 -33.63 6.74
C GLN A 318 2.97 -32.78 7.56
N ILE A 319 2.63 -31.60 7.03
CA ILE A 319 1.60 -30.77 7.64
C ILE A 319 0.50 -30.48 6.64
N LEU A 320 -0.73 -30.42 7.16
CA LEU A 320 -1.89 -30.05 6.39
C LEU A 320 -2.55 -28.89 7.13
N LEU A 321 -2.72 -27.76 6.45
CA LEU A 321 -3.10 -26.55 7.18
C LEU A 321 -3.90 -25.61 6.32
N GLY A 322 -4.59 -24.67 6.96
CA GLY A 322 -5.47 -23.77 6.22
C GLY A 322 -6.24 -22.80 7.09
N VAL A 323 -7.09 -22.03 6.41
CA VAL A 323 -7.75 -20.88 7.00
C VAL A 323 -9.15 -20.79 6.42
N ASN A 324 -10.04 -20.09 7.09
CA ASN A 324 -11.32 -19.76 6.49
C ASN A 324 -11.30 -18.37 5.82
N LYS A 325 -12.28 -18.09 4.96
CA LYS A 325 -12.36 -16.80 4.29
C LYS A 325 -12.54 -15.59 5.23
N ASP A 326 -13.42 -15.71 6.20
CA ASP A 326 -13.66 -14.57 7.07
C ASP A 326 -13.25 -14.79 8.52
N GLU A 327 -11.96 -15.04 8.72
CA GLU A 327 -11.41 -15.30 10.03
C GLU A 327 -11.64 -14.18 11.05
N GLY A 328 -11.93 -12.96 10.60
CA GLY A 328 -11.91 -11.81 11.50
C GLY A 328 -13.21 -11.32 12.14
N SER A 329 -14.35 -11.69 11.54
CA SER A 329 -15.65 -11.14 11.90
C SER A 329 -16.10 -11.40 13.34
N PHE A 330 -15.90 -12.62 13.81
CA PHE A 330 -16.25 -13.01 15.17
C PHE A 330 -15.71 -12.01 16.20
N PHE A 331 -14.45 -11.65 16.04
CA PHE A 331 -13.76 -10.75 16.97
C PHE A 331 -14.15 -9.28 16.85
N LEU A 332 -14.64 -8.85 15.68
CA LEU A 332 -15.11 -7.48 15.53
C LEU A 332 -16.43 -7.31 16.28
N LEU A 333 -17.29 -8.31 16.11
CA LEU A 333 -18.58 -8.40 16.76
C LEU A 333 -18.47 -8.22 18.27
N TYR A 334 -17.43 -8.80 18.87
CA TYR A 334 -17.22 -8.75 20.32
C TYR A 334 -16.45 -7.52 20.82
N GLY A 335 -15.81 -6.79 19.93
CA GLY A 335 -14.86 -5.78 20.38
C GLY A 335 -14.75 -4.50 19.58
N ALA A 336 -15.40 -4.42 18.43
CA ALA A 336 -15.30 -3.22 17.61
C ALA A 336 -16.63 -2.48 17.44
N PRO A 337 -16.58 -1.14 17.48
CA PRO A 337 -17.79 -0.31 17.35
C PRO A 337 -18.47 -0.44 16.01
N GLY A 338 -19.79 -0.33 15.99
CA GLY A 338 -20.57 -0.36 14.78
C GLY A 338 -21.01 -1.75 14.40
N PHE A 339 -20.36 -2.76 14.96
CA PHE A 339 -20.74 -4.14 14.67
C PHE A 339 -21.85 -4.68 15.60
N SER A 340 -22.79 -5.41 15.02
CA SER A 340 -23.87 -6.03 15.75
C SER A 340 -24.27 -7.31 15.08
N LYS A 341 -24.75 -8.25 15.90
CA LYS A 341 -25.17 -9.55 15.44
C LYS A 341 -26.45 -9.40 14.65
N ASP A 342 -27.17 -8.31 14.91
CA ASP A 342 -28.53 -8.12 14.41
C ASP A 342 -28.70 -7.14 13.23
N SER A 343 -27.68 -6.32 12.95
CA SER A 343 -27.68 -5.52 11.72
C SER A 343 -26.69 -6.06 10.71
N GLU A 344 -26.56 -5.33 9.60
CA GLU A 344 -25.56 -5.63 8.57
C GLU A 344 -24.23 -4.94 8.86
N SER A 345 -24.22 -4.09 9.88
CA SER A 345 -22.99 -3.53 10.45
C SER A 345 -22.13 -2.80 9.42
N LYS A 346 -22.78 -2.05 8.53
CA LYS A 346 -22.08 -1.08 7.70
C LYS A 346 -21.32 -0.17 8.64
N ILE A 347 -20.03 -0.03 8.40
CA ILE A 347 -19.16 0.69 9.32
C ILE A 347 -18.85 2.08 8.78
N SER A 348 -18.96 3.08 9.65
CA SER A 348 -18.64 4.45 9.26
C SER A 348 -17.14 4.54 9.11
N ARG A 349 -16.67 5.67 8.56
CA ARG A 349 -15.24 5.90 8.46
C ARG A 349 -14.65 6.00 9.85
N GLU A 350 -15.41 6.61 10.75
CA GLU A 350 -14.97 6.82 12.12
C GLU A 350 -14.80 5.49 12.85
N ASP A 351 -15.82 4.64 12.82
CA ASP A 351 -15.68 3.31 13.41
C ASP A 351 -14.59 2.47 12.74
N PHE A 352 -14.33 2.71 11.45
CA PHE A 352 -13.28 1.99 10.76
C PHE A 352 -11.92 2.35 11.35
N MET A 353 -11.68 3.64 11.53
CA MET A 353 -10.41 4.09 12.09
C MET A 353 -10.24 3.50 13.47
N SER A 354 -11.27 3.68 14.30
CA SER A 354 -11.42 3.06 15.62
C SER A 354 -11.10 1.57 15.57
N GLY A 355 -11.74 0.89 14.64
CA GLY A 355 -11.49 -0.52 14.39
C GLY A 355 -10.01 -0.86 14.24
N VAL A 356 -9.31 -0.24 13.28
CA VAL A 356 -7.91 -0.64 12.99
C VAL A 356 -7.00 -0.44 14.18
N LYS A 357 -7.28 0.59 14.98
CA LYS A 357 -6.52 0.84 16.20
C LYS A 357 -6.67 -0.33 17.19
N LEU A 358 -7.90 -0.85 17.30
CA LEU A 358 -8.15 -1.99 18.18
C LEU A 358 -7.47 -3.23 17.64
N SER A 359 -7.42 -3.34 16.32
CA SER A 359 -6.98 -4.56 15.66
C SER A 359 -5.46 -4.69 15.67
N VAL A 360 -4.77 -3.56 15.50
CA VAL A 360 -3.31 -3.51 15.50
C VAL A 360 -2.82 -2.68 16.71
N PRO A 361 -3.08 -3.18 17.93
CA PRO A 361 -2.89 -2.41 19.15
C PRO A 361 -1.47 -1.97 19.41
N HIS A 362 -0.50 -2.65 18.81
CA HIS A 362 0.91 -2.40 19.11
C HIS A 362 1.56 -1.46 18.08
N ALA A 363 0.78 -0.98 17.11
CA ALA A 363 1.34 -0.11 16.07
C ALA A 363 1.46 1.33 16.52
N ASN A 364 2.47 2.02 16.05
CA ASN A 364 2.53 3.45 16.21
C ASN A 364 1.64 4.12 15.19
N ASP A 365 1.68 5.45 15.14
CA ASP A 365 0.81 6.16 14.21
C ASP A 365 1.13 5.89 12.73
N LEU A 366 2.41 5.80 12.40
CA LEU A 366 2.77 5.48 11.03
C LEU A 366 2.25 4.09 10.66
N GLY A 367 2.43 3.14 11.57
CA GLY A 367 1.92 1.79 11.37
C GLY A 367 0.41 1.77 11.14
N LEU A 368 -0.31 2.58 11.91
CA LEU A 368 -1.76 2.67 11.75
C LEU A 368 -2.15 3.24 10.40
N ASP A 369 -1.45 4.29 9.96
CA ASP A 369 -1.70 4.90 8.67
C ASP A 369 -1.43 3.92 7.54
N ALA A 370 -0.40 3.11 7.74
CA ALA A 370 0.01 2.10 6.77
C ALA A 370 -1.12 1.10 6.56
N VAL A 371 -1.67 0.60 7.66
CA VAL A 371 -2.74 -0.39 7.62
C VAL A 371 -3.97 0.22 6.96
N THR A 372 -4.34 1.41 7.42
CA THR A 372 -5.49 2.13 6.88
C THR A 372 -5.38 2.32 5.38
N LEU A 373 -4.23 2.81 4.93
CA LEU A 373 -3.99 2.98 3.50
C LEU A 373 -4.11 1.63 2.79
N GLN A 374 -3.53 0.60 3.41
CA GLN A 374 -3.47 -0.72 2.81
C GLN A 374 -4.85 -1.31 2.56
N TYR A 375 -5.86 -0.89 3.32
CA TYR A 375 -7.22 -1.45 3.16
C TYR A 375 -8.35 -0.48 2.74
N THR A 376 -8.03 0.79 2.51
CA THR A 376 -9.06 1.75 2.08
C THR A 376 -9.12 2.01 0.59
N ASP A 377 -10.29 1.82 -0.01
CA ASP A 377 -10.54 2.29 -1.37
C ASP A 377 -10.85 3.80 -1.30
N TRP A 378 -9.94 4.61 -1.82
CA TRP A 378 -10.04 6.07 -1.73
C TRP A 378 -10.94 6.74 -2.74
N MET A 379 -11.51 5.94 -3.64
CA MET A 379 -12.59 6.39 -4.48
C MET A 379 -13.91 6.24 -3.74
N ASP A 380 -13.87 5.78 -2.50
CA ASP A 380 -15.10 5.29 -1.85
C ASP A 380 -14.96 5.14 -0.33
N ASP A 381 -14.24 6.05 0.31
CA ASP A 381 -13.90 5.87 1.72
C ASP A 381 -15.09 5.86 2.69
N ASN A 382 -16.23 6.37 2.27
CA ASN A 382 -17.38 6.32 3.17
C ASN A 382 -18.39 5.24 2.81
N ASN A 383 -17.90 4.20 2.15
CA ASN A 383 -18.71 3.04 1.88
C ASN A 383 -18.67 2.11 3.10
N GLY A 384 -19.78 2.09 3.84
CA GLY A 384 -19.88 1.28 5.05
C GLY A 384 -19.67 -0.23 4.86
N ILE A 385 -20.07 -0.76 3.70
CA ILE A 385 -19.89 -2.17 3.41
C ILE A 385 -18.42 -2.50 3.17
N LYS A 386 -17.73 -1.70 2.35
CA LYS A 386 -16.30 -1.88 2.09
C LYS A 386 -15.50 -1.64 3.35
N ASN A 387 -15.97 -0.70 4.16
CA ASN A 387 -15.32 -0.43 5.43
C ASN A 387 -15.47 -1.63 6.36
N ARG A 388 -16.62 -2.30 6.30
CA ARG A 388 -16.87 -3.46 7.16
C ARG A 388 -16.02 -4.65 6.72
N ASP A 389 -16.11 -4.98 5.43
CA ASP A 389 -15.31 -6.07 4.87
C ASP A 389 -13.81 -5.78 4.99
N GLY A 390 -13.44 -4.50 4.93
CA GLY A 390 -12.06 -4.12 5.07
C GLY A 390 -11.51 -4.43 6.45
N LEU A 391 -12.24 -3.99 7.46
CA LEU A 391 -11.91 -4.27 8.86
C LEU A 391 -11.88 -5.78 9.13
N ASP A 392 -12.85 -6.51 8.58
CA ASP A 392 -12.89 -7.97 8.66
C ASP A 392 -11.60 -8.58 8.10
N ASP A 393 -11.15 -8.12 6.94
CA ASP A 393 -9.91 -8.60 6.33
C ASP A 393 -8.66 -8.23 7.14
N ILE A 394 -8.66 -7.05 7.74
CA ILE A 394 -7.54 -6.59 8.56
C ILE A 394 -7.34 -7.50 9.77
N VAL A 395 -8.45 -7.81 10.45
CA VAL A 395 -8.39 -8.67 11.61
C VAL A 395 -7.97 -10.08 11.23
N GLY A 396 -8.64 -10.64 10.22
CA GLY A 396 -8.37 -11.97 9.74
C GLY A 396 -6.97 -12.13 9.16
N ASP A 397 -6.56 -11.20 8.30
CA ASP A 397 -5.25 -11.29 7.67
C ASP A 397 -4.15 -11.19 8.71
N HIS A 398 -4.24 -10.19 9.57
CA HIS A 398 -3.20 -9.94 10.56
C HIS A 398 -3.05 -11.07 11.62
N ASN A 399 -4.16 -11.57 12.15
CA ASN A 399 -4.12 -12.55 13.25
C ASN A 399 -4.02 -14.03 12.86
N VAL A 400 -4.56 -14.38 11.70
CA VAL A 400 -4.62 -15.76 11.27
C VAL A 400 -3.95 -16.03 9.92
N ILE A 401 -4.53 -15.52 8.85
CA ILE A 401 -4.11 -15.86 7.49
C ILE A 401 -2.63 -15.55 7.20
N CYS A 402 -2.19 -14.35 7.49
CA CYS A 402 -0.80 -14.02 7.26
C CYS A 402 0.21 -14.70 8.20
N PRO A 403 -0.10 -14.81 9.51
CA PRO A 403 0.82 -15.59 10.35
C PRO A 403 0.96 -17.02 9.86
N LEU A 404 -0.15 -17.63 9.44
CA LEU A 404 -0.09 -19.00 8.93
C LEU A 404 0.72 -19.09 7.63
N MET A 405 0.59 -18.12 6.75
CA MET A 405 1.31 -18.18 5.47
C MET A 405 2.81 -18.09 5.70
N HIS A 406 3.22 -17.17 6.57
CA HIS A 406 4.61 -17.08 6.97
C HIS A 406 5.13 -18.43 7.48
N PHE A 407 4.28 -19.13 8.24
CA PHE A 407 4.63 -20.43 8.80
C PHE A 407 4.74 -21.47 7.67
N VAL A 408 3.75 -21.48 6.79
CA VAL A 408 3.70 -22.44 5.71
C VAL A 408 4.92 -22.29 4.77
N ASN A 409 5.32 -21.04 4.50
CA ASN A 409 6.47 -20.79 3.65
C ASN A 409 7.76 -21.21 4.35
N LYS A 410 7.90 -20.82 5.60
CA LYS A 410 9.05 -21.24 6.39
C LYS A 410 9.16 -22.77 6.53
N TYR A 411 8.04 -23.42 6.82
CA TYR A 411 8.09 -24.84 7.11
C TYR A 411 8.43 -25.67 5.89
N THR A 412 7.99 -25.20 4.73
CA THR A 412 8.10 -25.97 3.51
C THR A 412 9.56 -26.09 3.06
N LYS A 413 10.42 -25.20 3.51
CA LYS A 413 11.85 -25.32 3.22
C LYS A 413 12.42 -26.63 3.75
N PHE A 414 11.98 -27.03 4.93
CA PHE A 414 12.56 -28.17 5.62
C PHE A 414 11.59 -29.35 5.76
N GLY A 415 10.30 -29.08 5.56
CA GLY A 415 9.27 -30.08 5.74
C GLY A 415 9.38 -31.23 4.78
N ASN A 416 8.55 -32.25 4.97
CA ASN A 416 8.52 -33.38 4.06
C ASN A 416 7.18 -33.47 3.32
N GLY A 417 6.48 -32.35 3.30
CA GLY A 417 5.25 -32.27 2.52
C GLY A 417 4.22 -31.38 3.17
N THR A 418 3.84 -30.31 2.46
CA THR A 418 2.84 -29.34 2.91
C THR A 418 1.59 -29.38 2.06
N TYR A 419 0.41 -29.35 2.68
CA TYR A 419 -0.85 -29.19 1.95
C TYR A 419 -1.60 -27.99 2.53
N LEU A 420 -2.12 -27.12 1.66
CA LEU A 420 -2.68 -25.86 2.09
C LEU A 420 -4.10 -25.71 1.58
N TYR A 421 -5.02 -25.29 2.45
CA TYR A 421 -6.42 -25.15 2.03
C TYR A 421 -6.98 -23.76 2.37
N PHE A 422 -8.01 -23.37 1.62
CA PHE A 422 -8.78 -22.17 1.88
C PHE A 422 -10.23 -22.59 2.01
N PHE A 423 -10.74 -22.58 3.23
CA PHE A 423 -12.13 -22.98 3.46
C PHE A 423 -13.05 -21.77 3.31
N ASN A 424 -13.96 -21.82 2.35
CA ASN A 424 -14.80 -20.65 2.08
C ASN A 424 -16.25 -20.99 1.81
N HIS A 425 -16.70 -22.15 2.26
CA HIS A 425 -18.11 -22.45 2.19
C HIS A 425 -18.79 -21.79 3.36
N ARG A 426 -20.00 -21.30 3.14
CA ARG A 426 -20.82 -20.76 4.20
C ARG A 426 -21.97 -21.72 4.45
N ALA A 427 -22.06 -22.23 5.68
CA ALA A 427 -23.08 -23.21 6.03
C ALA A 427 -24.46 -22.66 5.70
N SER A 428 -25.28 -23.48 5.05
CA SER A 428 -26.64 -23.10 4.75
C SER A 428 -27.45 -22.82 6.02
N ASN A 429 -27.06 -23.44 7.13
CA ASN A 429 -27.79 -23.31 8.39
C ASN A 429 -27.16 -22.40 9.46
N LEU A 430 -26.23 -21.56 9.04
CA LEU A 430 -25.51 -20.67 9.97
C LEU A 430 -26.48 -19.75 10.70
N VAL A 431 -26.28 -19.61 12.00
CA VAL A 431 -27.17 -18.80 12.82
C VAL A 431 -26.62 -17.39 12.98
N TRP A 432 -25.40 -17.17 12.53
CA TRP A 432 -24.80 -15.83 12.55
C TRP A 432 -25.22 -15.03 11.32
N PRO A 433 -25.19 -13.69 11.40
CA PRO A 433 -25.66 -12.89 10.26
C PRO A 433 -24.75 -13.05 9.03
N GLU A 434 -25.29 -12.74 7.85
CA GLU A 434 -24.54 -12.93 6.61
C GLU A 434 -23.23 -12.15 6.54
N TRP A 435 -23.23 -10.92 7.04
CA TRP A 435 -22.05 -10.08 6.92
C TRP A 435 -20.81 -10.73 7.50
N MET A 436 -21.01 -11.64 8.45
CA MET A 436 -19.91 -12.29 9.15
C MET A 436 -19.20 -13.33 8.29
N GLY A 437 -19.87 -13.76 7.22
CA GLY A 437 -19.23 -14.58 6.20
C GLY A 437 -18.89 -16.00 6.60
N VAL A 438 -17.68 -16.45 6.26
CA VAL A 438 -17.20 -17.77 6.63
C VAL A 438 -16.35 -17.63 7.88
N ILE A 439 -16.94 -18.01 9.00
CA ILE A 439 -16.51 -17.51 10.29
C ILE A 439 -15.43 -18.37 10.92
N HIS A 440 -14.53 -17.72 11.66
CA HIS A 440 -13.53 -18.39 12.48
C HIS A 440 -14.15 -19.49 13.36
N GLY A 441 -13.80 -20.74 13.05
CA GLY A 441 -14.27 -21.90 13.79
C GLY A 441 -15.30 -22.76 13.08
N TYR A 442 -15.82 -22.29 11.95
CA TYR A 442 -16.98 -22.94 11.34
C TYR A 442 -16.67 -23.99 10.26
N GLU A 443 -15.40 -24.19 9.97
CA GLU A 443 -15.01 -25.35 9.19
C GLU A 443 -15.05 -26.57 10.14
N ILE A 444 -14.83 -26.31 11.43
CA ILE A 444 -14.76 -27.39 12.43
C ILE A 444 -15.88 -28.42 12.37
N GLU A 445 -17.14 -27.97 12.31
CA GLU A 445 -18.26 -28.92 12.24
C GLU A 445 -18.18 -29.82 11.00
N PHE A 446 -17.56 -29.32 9.94
CA PHE A 446 -17.39 -30.12 8.73
C PHE A 446 -16.34 -31.20 8.93
N VAL A 447 -15.25 -30.84 9.60
CA VAL A 447 -14.19 -31.80 9.90
C VAL A 447 -14.70 -32.95 10.80
N PHE A 448 -15.63 -32.63 11.70
CA PHE A 448 -16.13 -33.60 12.65
C PHE A 448 -17.39 -34.35 12.16
N GLY A 449 -17.76 -34.11 10.91
CA GLY A 449 -18.84 -34.87 10.31
C GLY A 449 -20.24 -34.53 10.76
N LEU A 450 -20.40 -33.42 11.46
CA LEU A 450 -21.72 -32.93 11.84
C LEU A 450 -22.75 -32.81 10.69
N PRO A 451 -22.31 -32.49 9.45
CA PRO A 451 -23.34 -32.50 8.40
C PRO A 451 -23.93 -33.88 8.05
N LEU A 452 -23.33 -34.97 8.54
CA LEU A 452 -23.83 -36.32 8.24
C LEU A 452 -25.13 -36.65 8.99
N VAL A 453 -25.37 -35.95 10.09
CA VAL A 453 -26.59 -36.15 10.88
C VAL A 453 -27.73 -35.31 10.34
N LYS A 454 -28.81 -35.99 10.00
CA LYS A 454 -29.92 -35.40 9.28
C LYS A 454 -30.66 -34.33 10.09
N GLU A 455 -30.77 -34.53 11.40
CA GLU A 455 -31.56 -33.61 12.23
C GLU A 455 -30.91 -32.23 12.29
N LEU A 456 -29.65 -32.15 11.89
CA LEU A 456 -28.94 -30.88 11.93
C LEU A 456 -29.23 -30.03 10.69
N ASN A 457 -29.97 -30.62 9.75
CA ASN A 457 -30.50 -29.89 8.62
C ASN A 457 -29.44 -29.19 7.76
N TYR A 458 -28.38 -29.91 7.39
CA TYR A 458 -27.45 -29.45 6.37
C TYR A 458 -27.94 -29.97 5.04
N THR A 459 -27.26 -29.59 3.97
CA THR A 459 -27.67 -30.02 2.65
C THR A 459 -26.83 -31.18 2.12
N ALA A 460 -27.41 -31.92 1.18
CA ALA A 460 -26.72 -32.98 0.48
C ALA A 460 -25.29 -32.61 0.12
N GLU A 461 -25.09 -31.36 -0.26
CA GLU A 461 -23.82 -30.94 -0.82
C GLU A 461 -22.84 -30.65 0.30
N GLU A 462 -23.36 -30.22 1.43
CA GLU A 462 -22.53 -29.97 2.61
C GLU A 462 -22.09 -31.28 3.26
N GLU A 463 -23.00 -32.27 3.26
CA GLU A 463 -22.67 -33.60 3.73
C GLU A 463 -21.57 -34.22 2.87
N ALA A 464 -21.65 -33.99 1.56
CA ALA A 464 -20.62 -34.53 0.67
C ALA A 464 -19.30 -33.81 0.91
N LEU A 465 -19.40 -32.50 1.15
CA LEU A 465 -18.22 -31.68 1.44
C LEU A 465 -17.51 -32.18 2.71
N SER A 466 -18.27 -32.32 3.79
CA SER A 466 -17.80 -32.90 5.05
C SER A 466 -17.21 -34.30 4.85
N ARG A 467 -17.90 -35.13 4.08
CA ARG A 467 -17.39 -36.44 3.76
C ARG A 467 -16.03 -36.41 3.04
N ARG A 468 -15.88 -35.56 2.03
CA ARG A 468 -14.58 -35.44 1.36
C ARG A 468 -13.55 -34.78 2.29
N ILE A 469 -14.01 -33.88 3.14
CA ILE A 469 -13.11 -33.26 4.10
C ILE A 469 -12.55 -34.23 5.15
N MET A 470 -13.43 -34.95 5.84
CA MET A 470 -13.01 -35.99 6.79
C MET A 470 -12.07 -37.01 6.14
N HIS A 471 -12.39 -37.39 4.92
CA HIS A 471 -11.53 -38.32 4.18
C HIS A 471 -10.13 -37.75 3.94
N TYR A 472 -10.06 -36.51 3.46
CA TYR A 472 -8.78 -35.81 3.32
C TYR A 472 -8.03 -35.82 4.64
N TRP A 473 -8.75 -35.52 5.71
CA TRP A 473 -8.15 -35.43 7.04
C TRP A 473 -7.56 -36.76 7.46
N ALA A 474 -8.38 -37.80 7.45
CA ALA A 474 -7.95 -39.12 7.89
C ALA A 474 -6.93 -39.72 6.92
N THR A 475 -7.18 -39.59 5.62
CA THR A 475 -6.24 -40.14 4.64
C THR A 475 -4.88 -39.51 4.86
N PHE A 476 -4.87 -38.19 5.00
CA PHE A 476 -3.64 -37.50 5.34
C PHE A 476 -3.03 -38.14 6.60
N ALA A 477 -3.85 -38.29 7.64
CA ALA A 477 -3.40 -38.88 8.90
C ALA A 477 -2.75 -40.26 8.79
N LYS A 478 -3.31 -41.15 7.97
CA LYS A 478 -2.66 -42.45 7.76
C LYS A 478 -1.44 -42.44 6.82
N THR A 479 -1.44 -41.56 5.83
CA THR A 479 -0.43 -41.67 4.79
C THR A 479 0.47 -40.44 4.59
N GLY A 480 0.06 -39.28 5.10
CA GLY A 480 0.80 -38.04 4.88
C GLY A 480 0.41 -37.37 3.58
N ASN A 481 -0.63 -37.90 2.96
CA ASN A 481 -1.16 -37.40 1.71
C ASN A 481 -2.68 -37.49 1.76
N PRO A 482 -3.38 -36.36 1.61
CA PRO A 482 -4.85 -36.36 1.67
C PRO A 482 -5.44 -37.02 0.43
N ASN A 483 -4.60 -37.34 -0.55
CA ASN A 483 -5.08 -37.96 -1.79
C ASN A 483 -5.02 -39.50 -1.78
N GLU A 484 -6.04 -40.12 -2.35
CA GLU A 484 -6.00 -41.54 -2.67
C GLU A 484 -5.72 -41.68 -4.16
N PRO A 485 -4.99 -42.75 -4.56
CA PRO A 485 -4.60 -42.82 -5.98
C PRO A 485 -5.68 -43.23 -7.00
N HIS A 486 -6.81 -42.51 -7.04
CA HIS A 486 -7.71 -42.48 -8.21
C HIS A 486 -8.60 -41.22 -8.29
N SER A 487 -8.48 -40.50 -9.40
CA SER A 487 -9.30 -39.32 -9.73
C SER A 487 -8.87 -38.06 -8.94
N GLN A 488 -8.41 -36.99 -9.60
CA GLN A 488 -8.66 -36.55 -11.00
C GLN A 488 -10.13 -36.11 -11.19
N GLU A 489 -10.93 -36.53 -10.23
CA GLU A 489 -11.82 -35.66 -9.49
C GLU A 489 -11.41 -35.97 -8.06
N SER A 490 -10.45 -35.23 -7.50
CA SER A 490 -9.51 -34.34 -8.18
C SER A 490 -8.28 -34.48 -7.29
N LYS A 491 -7.11 -33.99 -7.71
CA LYS A 491 -5.96 -34.11 -6.81
C LYS A 491 -5.47 -32.81 -6.13
N TRP A 492 -5.47 -32.84 -4.81
CA TRP A 492 -4.96 -31.75 -3.99
C TRP A 492 -3.45 -31.65 -4.19
N PRO A 493 -2.99 -30.56 -4.81
CA PRO A 493 -1.54 -30.47 -5.04
C PRO A 493 -0.77 -30.20 -3.76
N LEU A 494 0.44 -30.76 -3.73
CA LEU A 494 1.47 -30.41 -2.77
C LEU A 494 1.79 -28.91 -2.90
N PHE A 495 1.84 -28.23 -1.77
CA PHE A 495 2.33 -26.86 -1.71
C PHE A 495 3.86 -26.86 -1.74
N THR A 496 4.44 -26.20 -2.75
CA THR A 496 5.90 -26.13 -2.88
C THR A 496 6.39 -24.71 -2.75
N THR A 497 7.67 -24.53 -2.46
CA THR A 497 8.28 -23.20 -2.40
C THR A 497 8.05 -22.38 -3.67
N LYS A 498 8.33 -22.96 -4.83
CA LYS A 498 8.14 -22.27 -6.10
C LYS A 498 6.65 -21.99 -6.35
N GLU A 499 5.88 -23.02 -6.70
CA GLU A 499 4.51 -22.81 -7.18
C GLU A 499 3.42 -22.45 -6.15
N GLN A 500 3.71 -22.64 -4.87
CA GLN A 500 2.81 -22.25 -3.77
C GLN A 500 1.31 -22.52 -3.93
N LYS A 501 0.96 -23.72 -4.41
CA LYS A 501 -0.43 -24.04 -4.67
C LYS A 501 -1.19 -24.34 -3.38
N PHE A 502 -2.51 -24.22 -3.48
CA PHE A 502 -3.43 -24.58 -2.42
C PHE A 502 -4.76 -24.85 -3.08
N ILE A 503 -5.76 -25.27 -2.31
CA ILE A 503 -7.07 -25.55 -2.89
C ILE A 503 -8.18 -24.85 -2.13
N ASP A 504 -9.26 -24.58 -2.85
CA ASP A 504 -10.48 -24.15 -2.21
C ASP A 504 -11.19 -25.39 -1.68
N LEU A 505 -11.77 -25.25 -0.49
CA LEU A 505 -12.62 -26.25 0.10
C LEU A 505 -14.04 -25.70 0.16
N ASN A 506 -14.92 -26.23 -0.68
CA ASN A 506 -16.32 -25.86 -0.68
C ASN A 506 -17.10 -26.96 -1.36
N THR A 507 -18.38 -26.72 -1.58
CA THR A 507 -19.25 -27.70 -2.21
C THR A 507 -18.93 -27.89 -3.68
N GLU A 508 -18.35 -26.86 -4.29
CA GLU A 508 -18.05 -26.89 -5.72
C GLU A 508 -16.81 -27.73 -6.00
N PRO A 509 -16.67 -28.24 -7.23
CA PRO A 509 -15.49 -29.00 -7.67
C PRO A 509 -14.19 -28.28 -7.34
N MET A 510 -13.17 -29.04 -6.95
CA MET A 510 -11.91 -28.51 -6.45
C MET A 510 -11.19 -27.62 -7.46
N LYS A 511 -10.77 -26.44 -7.01
CA LYS A 511 -9.99 -25.51 -7.82
C LYS A 511 -8.63 -25.31 -7.18
N VAL A 512 -7.60 -25.20 -8.02
CA VAL A 512 -6.24 -24.96 -7.52
C VAL A 512 -5.86 -23.51 -7.78
N HIS A 513 -5.35 -22.84 -6.77
CA HIS A 513 -4.89 -21.48 -6.92
C HIS A 513 -3.44 -21.42 -6.49
N GLN A 514 -2.83 -20.25 -6.62
CA GLN A 514 -1.47 -20.04 -6.15
C GLN A 514 -1.39 -18.76 -5.35
N ARG A 515 -0.35 -18.66 -4.54
CA ARG A 515 -0.05 -17.47 -3.74
C ARG A 515 -1.22 -16.90 -2.95
N LEU A 516 -1.67 -17.63 -1.93
CA LEU A 516 -2.80 -17.23 -1.08
C LEU A 516 -2.56 -15.93 -0.32
N ARG A 517 -3.51 -14.99 -0.48
CA ARG A 517 -3.45 -13.62 0.08
C ARG A 517 -2.07 -13.00 0.17
N VAL A 518 -1.34 -13.10 -0.94
CA VAL A 518 0.06 -12.72 -0.97
C VAL A 518 0.23 -11.21 -0.88
N GLN A 519 -0.65 -10.46 -1.57
CA GLN A 519 -0.58 -9.00 -1.57
C GLN A 519 -0.70 -8.44 -0.14
N MET A 520 -1.77 -8.79 0.56
CA MET A 520 -1.93 -8.42 1.96
C MET A 520 -0.82 -9.01 2.85
N CYS A 521 -0.42 -10.26 2.61
CA CYS A 521 0.55 -10.90 3.49
C CYS A 521 2.00 -10.37 3.37
N VAL A 522 2.41 -9.92 2.18
CA VAL A 522 3.66 -9.18 2.07
C VAL A 522 3.65 -7.94 2.99
N PHE A 523 2.49 -7.29 3.08
CA PHE A 523 2.35 -6.13 3.95
C PHE A 523 2.52 -6.56 5.41
N TRP A 524 1.79 -7.59 5.79
CA TRP A 524 1.77 -8.03 7.18
C TRP A 524 3.05 -8.75 7.61
N ASN A 525 3.65 -9.52 6.70
CA ASN A 525 4.80 -10.33 7.09
C ASN A 525 6.14 -9.61 6.88
N GLN A 526 6.20 -8.72 5.88
CA GLN A 526 7.45 -8.02 5.56
C GLN A 526 7.46 -6.50 5.74
N PHE A 527 6.54 -5.78 5.10
CA PHE A 527 6.58 -4.33 5.18
C PHE A 527 6.31 -3.80 6.59
N LEU A 528 5.13 -4.11 7.13
CA LEU A 528 4.75 -3.55 8.42
C LEU A 528 5.76 -3.79 9.54
N PRO A 529 6.25 -5.05 9.69
CA PRO A 529 7.24 -5.31 10.73
C PRO A 529 8.53 -4.49 10.57
N LYS A 530 9.02 -4.40 9.33
CA LYS A 530 10.20 -3.59 9.04
C LYS A 530 9.93 -2.15 9.39
N LEU A 531 8.71 -1.69 9.16
CA LEU A 531 8.29 -0.33 9.47
C LEU A 531 8.22 -0.10 10.98
N LEU A 532 7.66 -1.06 11.72
CA LEU A 532 7.52 -0.89 13.16
C LEU A 532 8.88 -0.96 13.86
N ASN A 533 9.76 -1.81 13.36
CA ASN A 533 11.13 -1.85 13.85
C ASN A 533 11.87 -0.54 13.57
N ALA A 534 11.63 0.03 12.40
CA ALA A 534 12.33 1.24 11.97
C ALA A 534 11.86 2.48 12.71
N THR A 535 10.58 2.50 13.07
CA THR A 535 9.98 3.72 13.60
C THR A 535 9.32 3.51 14.97
N SER B 4 0.33 51.84 -40.15
CA SER B 4 0.83 50.53 -40.57
C SER B 4 0.63 49.44 -39.52
N GLU B 5 0.00 48.34 -39.95
CA GLU B 5 -0.24 47.18 -39.10
C GLU B 5 1.04 46.59 -38.49
N LEU B 6 2.11 46.48 -39.29
CA LEU B 6 3.32 45.78 -38.86
C LEU B 6 4.33 46.68 -38.14
N LEU B 7 4.03 47.96 -38.02
CA LEU B 7 4.93 48.88 -37.33
C LEU B 7 4.28 49.40 -36.07
N VAL B 8 4.99 49.25 -34.96
CA VAL B 8 4.41 49.47 -33.65
C VAL B 8 5.39 50.17 -32.74
N ASN B 9 4.94 51.28 -32.17
CA ASN B 9 5.79 52.03 -31.28
C ASN B 9 5.58 51.53 -29.85
N THR B 10 6.62 50.91 -29.29
CA THR B 10 6.53 50.38 -27.94
C THR B 10 7.27 51.35 -27.05
N LYS B 11 7.14 51.14 -25.74
CA LYS B 11 7.75 52.00 -24.74
C LYS B 11 9.27 52.05 -24.84
N SER B 12 9.89 51.12 -25.57
CA SER B 12 11.35 51.11 -25.65
C SER B 12 11.89 51.37 -27.06
N GLY B 13 11.00 51.45 -28.04
CA GLY B 13 11.42 51.76 -29.40
C GLY B 13 10.42 51.24 -30.41
N LYS B 14 10.64 51.56 -31.68
CA LYS B 14 9.81 51.07 -32.75
C LYS B 14 10.16 49.62 -33.09
N VAL B 15 9.20 48.90 -33.64
CA VAL B 15 9.33 47.48 -33.88
C VAL B 15 8.63 47.18 -35.20
N MET B 16 9.30 46.43 -36.08
CA MET B 16 8.70 46.05 -37.35
C MET B 16 8.51 44.55 -37.48
N GLY B 17 7.27 44.13 -37.59
CA GLY B 17 6.95 42.72 -37.72
C GLY B 17 6.87 42.27 -39.16
N THR B 18 6.15 41.18 -39.41
CA THR B 18 6.07 40.56 -40.72
C THR B 18 4.75 39.81 -40.89
N ARG B 19 4.17 39.86 -42.08
CA ARG B 19 2.96 39.12 -42.37
C ARG B 19 3.28 37.67 -42.69
N VAL B 20 2.68 36.77 -41.92
CA VAL B 20 2.90 35.35 -42.08
C VAL B 20 1.59 34.69 -42.47
N PRO B 21 1.67 33.65 -43.31
CA PRO B 21 0.44 32.93 -43.68
C PRO B 21 0.05 31.89 -42.63
N VAL B 22 -1.25 31.71 -42.47
CA VAL B 22 -1.77 30.65 -41.61
C VAL B 22 -3.04 30.16 -42.25
N LEU B 23 -3.12 28.85 -42.49
CA LEU B 23 -4.36 28.19 -42.92
C LEU B 23 -5.23 28.99 -43.91
N SER B 24 -4.67 29.30 -45.08
CA SER B 24 -5.38 30.02 -46.14
C SER B 24 -5.68 31.48 -45.79
N SER B 25 -5.00 31.99 -44.78
CA SER B 25 -5.14 33.37 -44.39
C SER B 25 -3.80 33.92 -43.91
N HIS B 26 -3.83 34.99 -43.13
CA HIS B 26 -2.61 35.67 -42.72
C HIS B 26 -2.76 36.27 -41.34
N ILE B 27 -1.65 36.32 -40.59
CA ILE B 27 -1.60 37.14 -39.38
C ILE B 27 -0.28 37.92 -39.28
N SER B 28 -0.16 38.75 -38.24
CA SER B 28 1.05 39.53 -38.03
C SER B 28 1.95 38.88 -36.98
N ALA B 29 3.21 38.67 -37.29
CA ALA B 29 4.12 38.16 -36.28
C ALA B 29 5.12 39.24 -35.90
N PHE B 30 5.56 39.22 -34.65
CA PHE B 30 6.60 40.13 -34.20
C PHE B 30 7.61 39.26 -33.48
N LEU B 31 8.67 38.90 -34.19
CA LEU B 31 9.56 37.87 -33.71
C LEU B 31 10.85 38.44 -33.16
N GLY B 32 11.20 38.00 -31.96
CA GLY B 32 12.48 38.36 -31.36
C GLY B 32 12.54 39.78 -30.85
N ILE B 33 11.55 40.16 -30.06
CA ILE B 33 11.53 41.48 -29.45
C ILE B 33 12.26 41.40 -28.12
N PRO B 34 13.29 42.22 -27.93
CA PRO B 34 14.04 42.20 -26.66
C PRO B 34 13.25 42.81 -25.53
N PHE B 35 13.29 42.19 -24.34
CA PHE B 35 12.65 42.70 -23.13
C PHE B 35 13.65 42.95 -22.00
N ALA B 36 14.91 42.57 -22.21
CA ALA B 36 15.94 42.70 -21.19
C ALA B 36 17.27 43.09 -21.83
N GLU B 37 18.16 43.68 -21.04
CA GLU B 37 19.57 43.80 -21.40
C GLU B 37 20.17 42.40 -21.48
N PRO B 38 20.98 42.13 -22.51
CA PRO B 38 21.66 40.83 -22.62
C PRO B 38 22.40 40.48 -21.32
N PRO B 39 22.03 39.36 -20.66
CA PRO B 39 22.67 39.06 -19.38
C PRO B 39 24.05 38.45 -19.58
N VAL B 40 24.98 39.28 -20.03
CA VAL B 40 26.31 38.81 -20.41
C VAL B 40 27.42 39.42 -19.57
N GLY B 41 28.58 38.76 -19.58
CA GLY B 41 29.75 39.23 -18.86
C GLY B 41 29.55 39.34 -17.37
N ASN B 42 29.76 40.54 -16.85
CA ASN B 42 29.57 40.82 -15.43
C ASN B 42 28.13 40.60 -14.97
N MET B 43 27.25 40.25 -15.89
CA MET B 43 25.83 40.08 -15.60
C MET B 43 25.29 38.66 -15.80
N ARG B 44 26.19 37.71 -15.93
CA ARG B 44 25.82 36.31 -15.83
C ARG B 44 25.43 36.07 -14.37
N PHE B 45 24.39 35.25 -14.17
CA PHE B 45 23.84 34.93 -12.85
C PHE B 45 23.08 36.07 -12.18
N ARG B 46 23.23 37.26 -12.72
CA ARG B 46 22.71 38.47 -12.09
C ARG B 46 21.26 38.66 -12.49
N ARG B 47 20.48 39.34 -11.64
CA ARG B 47 19.11 39.70 -11.98
C ARG B 47 19.06 40.39 -13.32
N PRO B 48 17.94 40.24 -14.03
CA PRO B 48 17.87 40.87 -15.34
C PRO B 48 17.51 42.35 -15.25
N GLU B 49 18.09 43.15 -16.16
CA GLU B 49 17.81 44.59 -16.21
C GLU B 49 17.02 44.87 -17.48
N PRO B 50 16.06 45.83 -17.40
CA PRO B 50 15.19 46.05 -18.55
C PRO B 50 15.99 46.47 -19.79
N LYS B 51 15.49 46.10 -20.96
CA LYS B 51 16.11 46.50 -22.20
C LYS B 51 16.06 48.02 -22.35
N LYS B 52 17.21 48.65 -22.52
CA LYS B 52 17.23 50.11 -22.65
C LYS B 52 16.86 50.54 -24.07
N PRO B 53 16.08 51.62 -24.18
CA PRO B 53 15.46 52.09 -25.42
C PRO B 53 16.43 52.16 -26.58
N TRP B 54 15.94 51.80 -27.76
CA TRP B 54 16.76 51.83 -28.96
C TRP B 54 16.31 52.93 -29.93
N SER B 55 17.21 53.29 -30.84
CA SER B 55 16.85 54.19 -31.93
C SER B 55 16.32 53.33 -33.07
N GLY B 56 15.60 53.94 -33.99
CA GLY B 56 15.26 53.26 -35.24
C GLY B 56 14.26 52.12 -35.08
N VAL B 57 14.14 51.34 -36.16
CA VAL B 57 13.12 50.32 -36.24
C VAL B 57 13.71 48.91 -36.08
N TRP B 58 13.18 48.18 -35.10
CA TRP B 58 13.65 46.82 -34.84
C TRP B 58 13.10 45.85 -35.89
N ASN B 59 13.97 45.04 -36.48
CA ASN B 59 13.48 44.03 -37.40
C ASN B 59 12.98 42.83 -36.60
N ALA B 60 11.69 42.83 -36.27
CA ALA B 60 11.12 41.72 -35.52
C ALA B 60 10.46 40.72 -36.47
N SER B 61 11.23 40.25 -37.44
CA SER B 61 10.67 39.41 -38.48
C SER B 61 11.33 38.04 -38.50
N THR B 62 12.36 37.87 -37.68
CA THR B 62 12.97 36.55 -37.52
C THR B 62 13.08 36.10 -36.04
N TYR B 63 13.13 34.80 -35.85
CA TYR B 63 13.26 34.19 -34.53
C TYR B 63 14.58 34.54 -33.87
N PRO B 64 14.54 34.82 -32.56
CA PRO B 64 15.77 35.20 -31.85
C PRO B 64 16.66 33.99 -31.58
N ASN B 65 17.66 34.19 -30.73
CA ASN B 65 18.53 33.12 -30.29
C ASN B 65 17.87 32.32 -29.17
N ASN B 66 18.34 31.09 -29.00
CA ASN B 66 17.91 30.26 -27.89
C ASN B 66 18.94 30.35 -26.79
N CYS B 67 18.49 30.28 -25.54
CA CYS B 67 19.39 30.38 -24.42
C CYS B 67 20.37 29.18 -24.40
N GLN B 68 21.50 29.36 -23.74
CA GLN B 68 22.51 28.32 -23.65
C GLN B 68 22.00 27.13 -22.84
N GLN B 69 22.04 25.93 -23.42
CA GLN B 69 21.49 24.77 -22.75
C GLN B 69 22.11 23.45 -23.18
N TYR B 70 22.01 22.44 -22.33
CA TYR B 70 22.33 21.07 -22.72
C TYR B 70 21.49 20.64 -23.94
N VAL B 71 22.17 20.22 -25.01
CA VAL B 71 21.48 19.76 -26.19
C VAL B 71 21.45 18.24 -26.15
N ASP B 72 20.29 17.64 -26.42
CA ASP B 72 20.14 16.20 -26.27
C ASP B 72 20.56 15.48 -27.55
N GLU B 73 21.54 14.59 -27.45
CA GLU B 73 22.10 13.96 -28.65
C GLU B 73 21.91 12.45 -28.67
N GLN B 74 21.01 11.98 -27.83
CA GLN B 74 20.69 10.56 -27.72
C GLN B 74 20.26 9.94 -29.04
N PHE B 75 19.31 10.59 -29.70
CA PHE B 75 18.79 10.09 -30.96
C PHE B 75 18.97 11.10 -32.06
N PRO B 76 20.23 11.25 -32.55
CA PRO B 76 20.56 12.26 -33.56
C PRO B 76 19.74 12.01 -34.80
N GLY B 77 19.12 13.05 -35.34
CA GLY B 77 18.34 12.94 -36.56
C GLY B 77 16.89 12.60 -36.29
N PHE B 78 16.63 12.08 -35.10
CA PHE B 78 15.32 11.60 -34.75
C PHE B 78 14.42 12.75 -34.33
N SER B 79 13.24 12.84 -34.95
CA SER B 79 12.38 14.00 -34.81
C SER B 79 11.67 14.09 -33.47
N GLY B 80 11.48 12.92 -32.82
CA GLY B 80 10.80 12.83 -31.54
C GLY B 80 11.56 13.47 -30.40
N SER B 81 12.88 13.53 -30.52
CA SER B 81 13.73 14.18 -29.52
C SER B 81 14.17 15.54 -30.02
N GLU B 82 14.41 15.63 -31.31
CA GLU B 82 15.01 16.83 -31.90
C GLU B 82 14.02 18.00 -31.95
N MET B 83 12.72 17.69 -31.84
CA MET B 83 11.71 18.74 -31.78
C MET B 83 11.81 19.56 -30.49
N TRP B 84 12.59 19.09 -29.54
CA TRP B 84 12.72 19.80 -28.28
C TRP B 84 14.05 20.56 -28.18
N ASN B 85 15.03 20.19 -29.00
CA ASN B 85 16.32 20.88 -29.02
C ASN B 85 16.24 22.29 -29.64
N PRO B 86 17.19 23.18 -29.29
CA PRO B 86 17.32 24.51 -29.89
C PRO B 86 17.30 24.50 -31.43
N ASN B 87 16.29 25.13 -32.02
CA ASN B 87 16.25 25.24 -33.47
C ASN B 87 16.90 26.54 -34.00
N ARG B 88 17.63 27.23 -33.13
CA ARG B 88 18.30 28.48 -33.49
C ARG B 88 19.63 28.49 -32.79
N GLU B 89 20.49 29.44 -33.16
CA GLU B 89 21.79 29.50 -32.52
C GLU B 89 21.62 29.80 -31.03
N MET B 90 22.49 29.21 -30.22
CA MET B 90 22.46 29.45 -28.78
C MET B 90 23.37 30.62 -28.40
N SER B 91 22.97 31.37 -27.38
CA SER B 91 23.76 32.47 -26.84
C SER B 91 23.26 32.92 -25.49
N GLU B 92 24.09 33.64 -24.75
CA GLU B 92 23.65 34.23 -23.50
C GLU B 92 22.75 35.42 -23.79
N ASP B 93 22.84 35.92 -25.02
CA ASP B 93 22.01 37.03 -25.47
C ASP B 93 20.73 36.45 -26.03
N CYS B 94 19.80 36.12 -25.14
CA CYS B 94 18.61 35.35 -25.53
C CYS B 94 17.30 35.83 -24.94
N LEU B 95 17.32 36.94 -24.20
CA LEU B 95 16.13 37.41 -23.51
C LEU B 95 15.12 38.17 -24.40
N TYR B 96 14.37 37.39 -25.18
CA TYR B 96 13.45 37.92 -26.19
C TYR B 96 12.04 37.32 -26.07
N LEU B 97 11.07 37.91 -26.76
CA LEU B 97 9.72 37.37 -26.79
C LEU B 97 9.15 37.47 -28.20
N ASN B 98 8.07 36.74 -28.47
CA ASN B 98 7.46 36.71 -29.80
C ASN B 98 5.97 36.98 -29.72
N ILE B 99 5.41 37.69 -30.71
CA ILE B 99 3.98 38.03 -30.67
C ILE B 99 3.24 37.73 -31.98
N TRP B 100 2.11 37.02 -31.86
CA TRP B 100 1.20 36.82 -33.01
C TRP B 100 -0.10 37.58 -32.83
N VAL B 101 -0.38 38.47 -33.79
CA VAL B 101 -1.53 39.34 -33.69
C VAL B 101 -2.47 39.10 -34.85
N PRO B 102 -3.76 38.83 -34.56
CA PRO B 102 -4.77 38.65 -35.62
C PRO B 102 -4.77 39.79 -36.63
N SER B 103 -5.12 39.48 -37.88
CA SER B 103 -5.16 40.51 -38.90
C SER B 103 -6.56 40.59 -39.49
N PRO B 104 -7.24 41.73 -39.29
CA PRO B 104 -6.59 42.95 -38.77
C PRO B 104 -6.47 43.01 -37.25
N ARG B 105 -5.66 43.94 -36.79
CA ARG B 105 -5.39 44.09 -35.38
C ARG B 105 -6.68 44.28 -34.58
N PRO B 106 -6.87 43.43 -33.56
CA PRO B 106 -8.06 43.52 -32.68
C PRO B 106 -7.96 44.78 -31.85
N LYS B 107 -9.06 45.23 -31.25
CA LYS B 107 -9.00 46.45 -30.43
C LYS B 107 -8.41 46.19 -29.05
N SER B 108 -9.08 45.37 -28.26
CA SER B 108 -8.60 45.09 -26.93
C SER B 108 -8.83 43.63 -26.64
N THR B 109 -8.00 42.76 -27.24
CA THR B 109 -8.29 41.35 -27.20
C THR B 109 -7.51 40.60 -26.12
N THR B 110 -7.95 39.37 -25.85
CA THR B 110 -7.33 38.48 -24.85
C THR B 110 -5.90 38.13 -25.21
N VAL B 111 -5.02 38.20 -24.22
CA VAL B 111 -3.61 37.88 -24.39
C VAL B 111 -3.25 36.58 -23.67
N MET B 112 -2.55 35.68 -24.37
CA MET B 112 -2.03 34.45 -23.78
C MET B 112 -0.53 34.41 -23.91
N VAL B 113 0.16 34.32 -22.77
CA VAL B 113 1.61 34.25 -22.76
C VAL B 113 2.15 32.83 -22.51
N TRP B 114 2.84 32.26 -23.50
CA TRP B 114 3.44 30.91 -23.40
C TRP B 114 4.79 30.87 -22.63
N ILE B 115 4.89 29.99 -21.64
CA ILE B 115 6.17 29.77 -20.99
C ILE B 115 6.61 28.33 -21.20
N TYR B 116 7.76 28.14 -21.83
CA TYR B 116 8.23 26.78 -22.15
C TYR B 116 8.78 26.00 -20.97
N GLY B 117 8.73 24.68 -21.10
CA GLY B 117 9.37 23.77 -20.15
C GLY B 117 10.78 23.38 -20.54
N GLY B 118 11.21 22.20 -20.11
CA GLY B 118 12.57 21.75 -20.29
C GLY B 118 13.30 21.66 -18.95
N GLY B 119 12.58 21.36 -17.88
CA GLY B 119 13.19 21.12 -16.57
C GLY B 119 14.05 22.22 -15.96
N PHE B 120 13.84 23.44 -16.45
CA PHE B 120 14.64 24.62 -16.11
C PHE B 120 16.10 24.56 -16.60
N TYR B 121 16.42 23.55 -17.42
CA TYR B 121 17.78 23.39 -17.90
C TYR B 121 17.85 23.58 -19.42
N SER B 122 16.68 23.57 -20.07
CA SER B 122 16.60 23.70 -21.51
C SER B 122 15.26 24.28 -21.88
N GLY B 123 14.99 24.39 -23.17
CA GLY B 123 13.75 24.99 -23.63
C GLY B 123 13.95 26.17 -24.56
N SER B 124 13.06 26.31 -25.54
CA SER B 124 13.16 27.38 -26.52
C SER B 124 11.78 27.93 -26.85
N SER B 125 11.71 29.23 -27.13
CA SER B 125 10.47 29.88 -27.50
C SER B 125 10.17 29.64 -28.99
N THR B 126 11.20 29.25 -29.73
CA THR B 126 11.16 29.25 -31.19
C THR B 126 10.89 27.89 -31.80
N LEU B 127 10.61 26.90 -30.95
CA LEU B 127 10.29 25.56 -31.40
C LEU B 127 9.11 25.52 -32.35
N ASP B 128 9.18 24.64 -33.34
CA ASP B 128 8.10 24.45 -34.29
C ASP B 128 6.77 24.19 -33.58
N VAL B 129 6.81 23.45 -32.47
CA VAL B 129 5.60 23.03 -31.79
C VAL B 129 4.99 24.14 -30.91
N TYR B 130 5.77 25.17 -30.60
CA TYR B 130 5.21 26.31 -29.89
C TYR B 130 4.87 27.47 -30.85
N ASN B 131 4.61 27.16 -32.12
CA ASN B 131 4.33 28.17 -33.12
C ASN B 131 2.95 28.77 -32.95
N GLY B 132 2.93 30.06 -32.65
CA GLY B 132 1.71 30.70 -32.21
C GLY B 132 0.68 31.05 -33.25
N LYS B 133 1.01 30.85 -34.52
CA LYS B 133 0.15 31.41 -35.56
C LYS B 133 -1.23 30.76 -35.62
N TYR B 134 -1.33 29.47 -35.33
CA TYR B 134 -2.60 28.78 -35.46
C TYR B 134 -3.57 29.15 -34.35
N LEU B 135 -3.06 29.23 -33.12
CA LEU B 135 -3.89 29.54 -31.96
C LEU B 135 -4.33 30.99 -31.99
N ALA B 136 -3.40 31.89 -32.31
CA ALA B 136 -3.70 33.33 -32.43
C ALA B 136 -4.77 33.53 -33.47
N TYR B 137 -4.57 32.88 -34.60
CA TYR B 137 -5.49 33.03 -35.73
C TYR B 137 -6.87 32.44 -35.48
N THR B 138 -6.93 31.24 -34.91
CA THR B 138 -8.19 30.52 -34.84
C THR B 138 -9.12 31.05 -33.75
N GLU B 139 -8.55 31.46 -32.64
CA GLU B 139 -9.30 31.92 -31.50
C GLU B 139 -9.23 33.43 -31.31
N GLU B 140 -8.57 34.10 -32.25
CA GLU B 140 -8.41 35.55 -32.23
C GLU B 140 -7.94 36.07 -30.88
N VAL B 141 -6.80 35.57 -30.44
CA VAL B 141 -6.16 36.10 -29.25
C VAL B 141 -4.79 36.62 -29.65
N VAL B 142 -4.20 37.43 -28.79
CA VAL B 142 -2.81 37.86 -28.97
C VAL B 142 -1.93 36.88 -28.23
N LEU B 143 -1.14 36.11 -28.99
CA LEU B 143 -0.31 35.05 -28.42
C LEU B 143 1.15 35.46 -28.24
N VAL B 144 1.62 35.43 -27.00
CA VAL B 144 3.00 35.83 -26.69
C VAL B 144 3.88 34.69 -26.21
N SER B 145 5.08 34.62 -26.76
CA SER B 145 6.07 33.60 -26.45
C SER B 145 7.25 34.21 -25.72
N LEU B 146 7.36 34.04 -24.40
CA LEU B 146 8.51 34.60 -23.69
C LEU B 146 9.71 33.65 -23.68
N SER B 147 10.81 34.09 -23.09
CA SER B 147 11.97 33.22 -22.87
C SER B 147 12.64 33.53 -21.54
N TYR B 148 13.55 32.67 -21.12
CA TYR B 148 14.22 32.88 -19.83
C TYR B 148 15.45 32.00 -19.77
N ARG B 149 16.44 32.46 -19.02
CA ARG B 149 17.67 31.72 -18.83
C ARG B 149 17.42 30.38 -18.14
N VAL B 150 18.03 29.33 -18.69
CA VAL B 150 17.90 28.00 -18.13
C VAL B 150 19.19 27.52 -17.49
N GLY B 151 19.12 26.38 -16.81
CA GLY B 151 20.26 25.83 -16.08
C GLY B 151 21.03 26.81 -15.22
N ALA B 152 22.33 26.58 -15.09
CA ALA B 152 23.19 27.40 -14.25
C ALA B 152 23.06 28.91 -14.50
N PHE B 153 22.81 29.28 -15.75
CA PHE B 153 22.73 30.70 -16.10
C PHE B 153 21.49 31.37 -15.51
N GLY B 154 20.41 30.59 -15.40
CA GLY B 154 19.14 31.11 -14.93
C GLY B 154 18.88 30.86 -13.46
N PHE B 155 19.53 29.84 -12.91
CA PHE B 155 19.17 29.44 -11.56
C PHE B 155 20.32 29.09 -10.60
N LEU B 156 21.55 29.44 -10.96
CA LEU B 156 22.64 29.34 -10.01
C LEU B 156 22.26 30.21 -8.82
N ALA B 157 22.26 29.60 -7.64
CA ALA B 157 21.79 30.29 -6.43
C ALA B 157 22.83 30.24 -5.32
N LEU B 158 23.35 31.42 -4.96
CA LEU B 158 24.24 31.55 -3.81
C LEU B 158 23.68 32.58 -2.85
N HIS B 159 22.75 32.14 -1.98
CA HIS B 159 22.01 33.02 -1.08
C HIS B 159 22.94 33.98 -0.33
N GLY B 160 22.54 35.24 -0.24
CA GLY B 160 23.38 36.25 0.38
C GLY B 160 24.08 37.10 -0.65
N SER B 161 24.57 36.46 -1.70
CA SER B 161 25.19 37.17 -2.80
C SER B 161 24.12 37.97 -3.54
N GLN B 162 24.55 39.02 -4.21
CA GLN B 162 23.66 39.84 -4.99
C GLN B 162 24.03 39.65 -6.43
N GLU B 163 25.16 38.98 -6.62
CA GLU B 163 25.67 38.70 -7.96
C GLU B 163 24.99 37.46 -8.54
N ALA B 164 24.74 36.47 -7.69
CA ALA B 164 24.04 35.26 -8.10
C ALA B 164 23.07 34.86 -6.99
N PRO B 165 21.89 35.52 -6.95
CA PRO B 165 20.93 35.34 -5.86
C PRO B 165 20.06 34.09 -6.01
N GLY B 166 20.02 33.52 -7.21
CA GLY B 166 19.07 32.49 -7.54
C GLY B 166 17.85 33.10 -8.22
N ASN B 167 17.04 32.26 -8.85
CA ASN B 167 15.73 32.66 -9.35
C ASN B 167 15.70 33.70 -10.45
N VAL B 168 16.85 34.02 -11.03
CA VAL B 168 16.88 35.10 -12.01
C VAL B 168 16.11 34.74 -13.28
N GLY B 169 16.07 33.47 -13.65
CA GLY B 169 15.26 33.03 -14.78
C GLY B 169 13.76 33.20 -14.54
N LEU B 170 13.32 33.06 -13.28
CA LEU B 170 11.94 33.37 -12.97
C LEU B 170 11.73 34.87 -13.12
N LEU B 171 12.74 35.63 -12.71
CA LEU B 171 12.75 37.08 -12.89
C LEU B 171 12.77 37.50 -14.38
N ASP B 172 13.47 36.75 -15.23
CA ASP B 172 13.38 36.98 -16.65
C ASP B 172 11.93 36.92 -17.10
N GLN B 173 11.23 35.89 -16.66
CA GLN B 173 9.83 35.68 -16.99
C GLN B 173 8.99 36.88 -16.53
N ARG B 174 9.13 37.21 -15.25
CA ARG B 174 8.46 38.37 -14.67
C ARG B 174 8.64 39.62 -15.52
N MET B 175 9.88 39.86 -15.94
CA MET B 175 10.22 41.04 -16.74
C MET B 175 9.57 40.99 -18.10
N ALA B 176 9.54 39.81 -18.70
CA ALA B 176 8.76 39.66 -19.91
C ALA B 176 7.26 39.93 -19.66
N LEU B 177 6.71 39.42 -18.56
CA LEU B 177 5.32 39.72 -18.22
C LEU B 177 5.10 41.21 -18.04
N GLN B 178 6.05 41.85 -17.36
CA GLN B 178 6.06 43.29 -17.20
C GLN B 178 6.07 44.00 -18.55
N TRP B 179 6.82 43.45 -19.50
CA TRP B 179 6.85 44.02 -20.83
C TRP B 179 5.47 43.92 -21.45
N VAL B 180 4.86 42.74 -21.36
CA VAL B 180 3.48 42.55 -21.83
C VAL B 180 2.55 43.57 -21.16
N HIS B 181 2.76 43.81 -19.87
CA HIS B 181 1.87 44.71 -19.14
C HIS B 181 1.96 46.12 -19.71
N ASP B 182 3.19 46.52 -20.03
CA ASP B 182 3.44 47.86 -20.52
C ASP B 182 3.18 48.08 -22.00
N ASN B 183 3.34 47.05 -22.83
CA ASN B 183 3.31 47.27 -24.27
C ASN B 183 2.24 46.50 -25.03
N ILE B 184 1.53 45.55 -24.39
CA ILE B 184 0.64 44.69 -25.17
C ILE B 184 -0.52 45.45 -25.79
N GLN B 185 -0.85 46.61 -25.23
CA GLN B 185 -1.96 47.39 -25.77
C GLN B 185 -1.64 47.85 -27.18
N PHE B 186 -0.35 48.08 -27.47
CA PHE B 186 0.06 48.59 -28.78
C PHE B 186 -0.06 47.53 -29.86
N PHE B 187 -0.43 46.31 -29.45
CA PHE B 187 -0.62 45.24 -30.39
C PHE B 187 -2.08 44.82 -30.50
N GLY B 188 -2.92 45.40 -29.64
CA GLY B 188 -4.35 45.15 -29.68
C GLY B 188 -4.78 44.26 -28.53
N GLY B 189 -3.88 44.07 -27.59
CA GLY B 189 -4.10 43.17 -26.49
C GLY B 189 -4.48 43.88 -25.20
N ASP B 190 -5.34 43.24 -24.42
CA ASP B 190 -5.78 43.79 -23.15
C ASP B 190 -4.82 43.40 -22.05
N PRO B 191 -4.11 44.38 -21.48
CA PRO B 191 -3.19 43.98 -20.41
C PRO B 191 -3.91 43.56 -19.14
N LYS B 192 -5.21 43.80 -19.07
CA LYS B 192 -6.02 43.39 -17.91
C LYS B 192 -6.57 41.97 -18.09
N THR B 193 -6.25 41.36 -19.22
CA THR B 193 -6.75 40.03 -19.51
C THR B 193 -5.65 39.18 -20.11
N VAL B 194 -4.58 39.00 -19.35
CA VAL B 194 -3.48 38.14 -19.79
C VAL B 194 -3.48 36.79 -19.04
N THR B 195 -3.56 35.71 -19.83
CA THR B 195 -3.42 34.36 -19.30
C THR B 195 -2.00 33.88 -19.50
N ILE B 196 -1.31 33.56 -18.41
CA ILE B 196 -0.05 32.87 -18.55
C ILE B 196 -0.27 31.35 -18.63
N PHE B 197 0.43 30.71 -19.55
CA PHE B 197 0.40 29.26 -19.61
C PHE B 197 1.75 28.64 -19.97
N GLY B 198 1.95 27.41 -19.52
CA GLY B 198 3.17 26.69 -19.79
C GLY B 198 3.03 25.23 -19.42
N GLU B 199 3.88 24.40 -20.00
CA GLU B 199 3.86 22.98 -19.75
C GLU B 199 5.11 22.64 -18.96
N SER B 200 5.00 21.62 -18.10
CA SER B 200 6.16 21.12 -17.33
C SER B 200 6.81 22.20 -16.50
N ALA B 201 8.06 22.54 -16.82
CA ALA B 201 8.75 23.62 -16.13
C ALA B 201 7.95 24.91 -16.32
N GLY B 202 7.33 25.04 -17.49
CA GLY B 202 6.50 26.18 -17.78
C GLY B 202 5.29 26.15 -16.88
N GLY B 203 4.71 24.96 -16.75
CA GLY B 203 3.56 24.75 -15.89
C GLY B 203 3.90 25.09 -14.45
N ALA B 204 5.00 24.55 -13.96
CA ALA B 204 5.46 24.86 -12.62
C ALA B 204 5.68 26.36 -12.48
N SER B 205 6.37 26.97 -13.44
CA SER B 205 6.68 28.40 -13.41
C SER B 205 5.41 29.27 -13.25
N VAL B 206 4.40 28.91 -14.02
CA VAL B 206 3.09 29.54 -14.02
C VAL B 206 2.50 29.56 -12.63
N GLY B 207 2.55 28.43 -11.94
CA GLY B 207 2.12 28.38 -10.55
C GLY B 207 3.07 29.12 -9.63
N MET B 208 4.32 29.26 -10.03
CA MET B 208 5.30 29.94 -9.19
C MET B 208 5.03 31.44 -9.17
N HIS B 209 4.48 31.93 -10.28
CA HIS B 209 4.08 33.33 -10.39
C HIS B 209 2.77 33.57 -9.64
N ILE B 210 1.88 32.58 -9.70
CA ILE B 210 0.69 32.56 -8.85
C ILE B 210 1.06 32.77 -7.38
N LEU B 211 2.11 32.08 -6.91
CA LEU B 211 2.56 32.17 -5.53
C LEU B 211 3.32 33.44 -5.19
N SER B 212 4.32 33.78 -5.98
CA SER B 212 5.21 34.90 -5.67
C SER B 212 4.49 36.25 -5.72
N PRO B 213 4.52 36.98 -4.59
CA PRO B 213 3.78 38.25 -4.46
C PRO B 213 4.09 39.22 -5.60
N GLY B 214 5.37 39.36 -5.96
CA GLY B 214 5.79 40.26 -7.03
C GLY B 214 5.45 39.89 -8.47
N SER B 215 4.71 38.79 -8.68
CA SER B 215 4.33 38.43 -10.03
C SER B 215 2.81 38.49 -10.26
N ARG B 216 2.06 38.53 -9.15
CA ARG B 216 0.60 38.38 -9.20
C ARG B 216 -0.16 39.42 -10.02
N ASP B 217 0.35 40.64 -10.07
CA ASP B 217 -0.41 41.68 -10.73
C ASP B 217 -0.06 41.77 -12.20
N LEU B 218 0.80 40.87 -12.67
CA LEU B 218 1.23 40.87 -14.06
C LEU B 218 0.43 39.95 -15.00
N PHE B 219 -0.60 39.30 -14.46
CA PHE B 219 -1.47 38.46 -15.28
C PHE B 219 -2.82 38.25 -14.60
N ARG B 220 -3.82 37.86 -15.38
CA ARG B 220 -5.20 37.68 -14.88
C ARG B 220 -5.50 36.25 -14.37
N ARG B 221 -5.00 35.24 -15.10
CA ARG B 221 -5.24 33.86 -14.73
C ARG B 221 -4.22 32.90 -15.35
N ALA B 222 -4.32 31.61 -15.00
CA ALA B 222 -3.23 30.67 -15.20
C ALA B 222 -3.64 29.31 -15.76
N ILE B 223 -2.90 28.85 -16.76
CA ILE B 223 -3.06 27.50 -17.24
C ILE B 223 -1.79 26.73 -16.95
N LEU B 224 -1.92 25.57 -16.31
CA LEU B 224 -0.77 24.73 -15.98
C LEU B 224 -0.87 23.36 -16.61
N GLN B 225 0.03 23.04 -17.53
CA GLN B 225 0.01 21.70 -18.13
C GLN B 225 1.18 20.84 -17.63
N SER B 226 0.86 19.74 -16.97
CA SER B 226 1.85 18.72 -16.61
C SER B 226 3.01 19.28 -15.80
N GLY B 227 2.69 20.18 -14.88
CA GLY B 227 3.69 20.77 -14.01
C GLY B 227 2.98 21.66 -13.01
N SER B 228 3.65 21.95 -11.91
CA SER B 228 3.05 22.71 -10.82
C SER B 228 4.17 23.07 -9.85
N PRO B 229 3.98 24.17 -9.09
CA PRO B 229 5.13 24.71 -8.35
C PRO B 229 5.71 23.77 -7.29
N ASN B 230 4.87 22.88 -6.77
CA ASN B 230 5.25 22.01 -5.66
C ASN B 230 5.96 20.71 -6.09
N CYS B 231 6.05 20.46 -7.40
CA CYS B 231 6.82 19.34 -7.95
C CYS B 231 8.21 19.19 -7.29
N PRO B 232 8.59 17.94 -6.96
CA PRO B 232 9.83 17.65 -6.23
C PRO B 232 11.10 18.04 -7.01
N TRP B 233 11.03 18.00 -8.34
CA TRP B 233 12.12 18.44 -9.21
C TRP B 233 12.14 19.95 -9.43
N ALA B 234 11.05 20.62 -9.08
CA ALA B 234 10.88 22.02 -9.47
C ALA B 234 11.51 23.09 -8.56
N SER B 235 12.09 22.68 -7.44
CA SER B 235 12.82 23.65 -6.60
C SER B 235 13.77 22.98 -5.61
N VAL B 236 14.60 23.80 -4.97
CA VAL B 236 15.57 23.37 -3.98
C VAL B 236 15.72 24.45 -2.93
N SER B 237 16.35 24.10 -1.82
CA SER B 237 16.53 25.00 -0.69
C SER B 237 17.81 25.79 -0.87
N VAL B 238 17.98 26.86 -0.09
CA VAL B 238 19.20 27.66 -0.14
C VAL B 238 20.43 26.76 0.06
N ALA B 239 20.36 25.90 1.07
CA ALA B 239 21.48 25.04 1.44
C ALA B 239 21.89 24.22 0.24
N GLU B 240 20.92 23.50 -0.31
CA GLU B 240 21.15 22.65 -1.47
C GLU B 240 21.63 23.45 -2.68
N GLY B 241 20.97 24.57 -2.94
CA GLY B 241 21.30 25.44 -4.07
C GLY B 241 22.74 25.92 -4.01
N ARG B 242 23.17 26.35 -2.82
CA ARG B 242 24.55 26.76 -2.65
C ARG B 242 25.48 25.58 -2.90
N ARG B 243 25.24 24.49 -2.16
CA ARG B 243 26.05 23.27 -2.27
C ARG B 243 26.30 22.86 -3.71
N ARG B 244 25.26 22.96 -4.56
CA ARG B 244 25.39 22.60 -5.96
C ARG B 244 26.23 23.63 -6.72
N ALA B 245 26.02 24.90 -6.41
CA ALA B 245 26.77 25.99 -7.01
C ALA B 245 28.25 25.86 -6.66
N VAL B 246 28.52 25.65 -5.37
CA VAL B 246 29.89 25.45 -4.91
C VAL B 246 30.52 24.24 -5.59
N GLU B 247 29.72 23.19 -5.77
CA GLU B 247 30.15 21.98 -6.45
C GLU B 247 30.43 22.22 -7.93
N LEU B 248 29.70 23.16 -8.53
CA LEU B 248 29.89 23.46 -9.95
C LEU B 248 31.26 24.08 -10.17
N GLY B 249 31.66 24.93 -9.22
CA GLY B 249 32.98 25.53 -9.25
C GLY B 249 34.07 24.52 -8.99
N ARG B 250 33.79 23.56 -8.11
CA ARG B 250 34.76 22.54 -7.78
C ARG B 250 35.09 21.74 -9.04
N ASN B 251 34.06 21.45 -9.84
CA ASN B 251 34.23 20.79 -11.12
C ASN B 251 34.95 21.64 -12.17
N LEU B 252 35.29 22.88 -11.83
CA LEU B 252 35.92 23.74 -12.80
C LEU B 252 37.17 24.40 -12.25
N ASN B 253 37.73 23.81 -11.20
CA ASN B 253 38.96 24.28 -10.60
C ASN B 253 38.83 25.70 -10.05
N CYS B 254 37.61 26.08 -9.70
CA CYS B 254 37.36 27.43 -9.18
C CYS B 254 37.79 27.61 -7.72
N ASN B 255 38.28 28.81 -7.44
CA ASN B 255 38.45 29.31 -6.09
C ASN B 255 37.09 29.21 -5.40
N LEU B 256 37.03 28.46 -4.30
CA LEU B 256 35.78 28.26 -3.60
C LEU B 256 35.77 28.99 -2.28
N ASN B 257 36.74 29.87 -2.07
CA ASN B 257 36.94 30.49 -0.77
C ASN B 257 35.87 31.52 -0.40
N SER B 258 35.19 32.08 -1.41
CA SER B 258 34.07 32.98 -1.17
C SER B 258 33.16 33.07 -2.38
N ASP B 259 31.97 33.64 -2.18
CA ASP B 259 31.01 33.74 -3.27
C ASP B 259 31.55 34.61 -4.38
N GLU B 260 32.28 35.66 -4.02
CA GLU B 260 32.78 36.61 -5.02
C GLU B 260 33.86 35.97 -5.89
N GLU B 261 34.69 35.11 -5.29
CA GLU B 261 35.76 34.44 -6.02
C GLU B 261 35.25 33.26 -6.82
N LEU B 262 34.21 32.61 -6.30
CA LEU B 262 33.56 31.55 -7.02
C LEU B 262 32.83 32.13 -8.24
N ILE B 263 32.01 33.14 -7.99
CA ILE B 263 31.22 33.76 -9.05
C ILE B 263 32.12 34.31 -10.13
N HIS B 264 33.22 34.94 -9.71
CA HIS B 264 34.19 35.51 -10.64
C HIS B 264 34.78 34.43 -11.54
N CYS B 265 35.15 33.30 -10.94
CA CYS B 265 35.67 32.16 -11.68
C CYS B 265 34.66 31.63 -12.69
N LEU B 266 33.42 31.43 -12.25
CA LEU B 266 32.39 30.86 -13.12
C LEU B 266 31.97 31.81 -14.23
N ARG B 267 32.27 33.10 -14.04
CA ARG B 267 31.91 34.14 -15.00
C ARG B 267 32.91 34.23 -16.15
N GLU B 268 34.13 33.74 -15.96
CA GLU B 268 35.11 33.75 -17.04
C GLU B 268 34.97 32.53 -17.96
N LYS B 269 34.20 31.54 -17.52
CA LYS B 269 34.07 30.30 -18.28
C LYS B 269 33.10 30.48 -19.45
N LYS B 270 33.34 29.77 -20.53
CA LYS B 270 32.44 29.78 -21.67
C LYS B 270 31.22 28.97 -21.27
N PRO B 271 30.05 29.35 -21.80
CA PRO B 271 28.78 28.71 -21.39
C PRO B 271 28.83 27.19 -21.49
N GLN B 272 29.41 26.68 -22.57
CA GLN B 272 29.40 25.25 -22.82
C GLN B 272 30.23 24.51 -21.78
N GLU B 273 31.23 25.17 -21.23
CA GLU B 273 32.00 24.59 -20.15
C GLU B 273 31.10 24.35 -18.95
N LEU B 274 30.18 25.28 -18.72
CA LEU B 274 29.27 25.18 -17.58
C LEU B 274 28.35 23.99 -17.79
N ILE B 275 27.71 23.98 -18.96
CA ILE B 275 26.80 22.92 -19.35
C ILE B 275 27.47 21.55 -19.37
N ASP B 276 28.73 21.49 -19.78
CA ASP B 276 29.41 20.19 -19.86
C ASP B 276 29.40 19.47 -18.50
N VAL B 277 29.64 20.20 -17.41
CA VAL B 277 29.67 19.57 -16.09
C VAL B 277 28.33 19.68 -15.34
N GLU B 278 27.35 20.36 -15.94
CA GLU B 278 26.06 20.65 -15.31
C GLU B 278 25.48 19.48 -14.51
N TRP B 279 25.42 18.32 -15.13
CA TRP B 279 24.75 17.19 -14.50
C TRP B 279 25.48 16.61 -13.30
N ASN B 280 26.77 16.91 -13.18
CA ASN B 280 27.62 16.30 -12.16
C ASN B 280 27.31 16.72 -10.73
N VAL B 281 26.56 17.80 -10.55
CA VAL B 281 26.33 18.33 -9.21
C VAL B 281 25.05 17.79 -8.57
N LEU B 282 24.38 16.86 -9.24
CA LEU B 282 23.20 16.21 -8.66
C LEU B 282 23.59 15.35 -7.46
N PRO B 283 22.71 15.32 -6.45
CA PRO B 283 23.07 14.61 -5.22
C PRO B 283 23.10 13.11 -5.45
N PHE B 284 22.19 12.59 -6.28
CA PHE B 284 22.10 11.14 -6.46
C PHE B 284 21.97 10.78 -7.93
N ASP B 285 22.12 9.49 -8.21
CA ASP B 285 21.75 8.96 -9.51
C ASP B 285 20.24 9.09 -9.58
N SER B 286 19.75 9.87 -10.53
CA SER B 286 18.32 10.11 -10.57
C SER B 286 17.80 10.25 -11.98
N ILE B 287 16.49 10.10 -12.10
CA ILE B 287 15.79 10.50 -13.31
C ILE B 287 14.78 11.57 -12.88
N PHE B 288 14.41 12.46 -13.80
CA PHE B 288 13.53 13.60 -13.48
C PHE B 288 14.09 14.48 -12.37
N ARG B 289 15.40 14.69 -12.39
CA ARG B 289 16.07 15.67 -11.53
C ARG B 289 17.00 16.57 -12.36
N PHE B 290 17.00 17.85 -12.03
CA PHE B 290 17.77 18.86 -12.75
C PHE B 290 18.47 19.76 -11.75
N SER B 291 19.67 20.20 -12.11
CA SER B 291 20.58 20.78 -11.12
C SER B 291 20.35 22.25 -10.77
N PHE B 292 19.88 23.04 -11.73
CA PHE B 292 19.69 24.46 -11.45
C PHE B 292 18.26 24.93 -11.65
N VAL B 293 17.56 25.00 -10.53
CA VAL B 293 16.14 25.21 -10.50
C VAL B 293 15.87 26.35 -9.50
N PRO B 294 14.62 26.86 -9.46
CA PRO B 294 14.28 27.87 -8.45
C PRO B 294 14.63 27.47 -7.00
N VAL B 295 14.89 28.47 -6.16
CA VAL B 295 15.18 28.27 -4.75
C VAL B 295 14.09 28.85 -3.88
N ILE B 296 13.76 28.16 -2.78
CA ILE B 296 12.91 28.77 -1.76
C ILE B 296 13.79 29.74 -0.99
N ASP B 297 13.70 31.02 -1.36
CA ASP B 297 14.71 32.01 -1.01
C ASP B 297 14.25 33.07 0.01
N GLY B 298 12.95 33.15 0.27
CA GLY B 298 12.47 34.14 1.21
C GLY B 298 12.22 35.48 0.53
N GLU B 299 12.37 35.52 -0.80
CA GLU B 299 12.24 36.76 -1.55
C GLU B 299 11.33 36.62 -2.78
N PHE B 300 11.66 35.70 -3.69
CA PHE B 300 10.68 35.38 -4.73
C PHE B 300 9.57 34.58 -4.04
N PHE B 301 9.97 33.67 -3.16
CA PHE B 301 9.05 32.93 -2.31
C PHE B 301 9.29 33.33 -0.86
N PRO B 302 8.37 34.12 -0.28
CA PRO B 302 8.45 34.66 1.08
C PRO B 302 8.65 33.57 2.13
N THR B 303 7.93 32.47 1.94
CA THR B 303 8.01 31.32 2.83
C THR B 303 7.93 30.06 1.98
N SER B 304 8.00 28.91 2.66
CA SER B 304 7.95 27.60 2.02
C SER B 304 6.71 27.47 1.14
N LEU B 305 6.82 26.74 0.04
CA LEU B 305 5.68 26.66 -0.87
C LEU B 305 4.45 26.07 -0.18
N GLU B 306 4.68 25.15 0.76
CA GLU B 306 3.58 24.45 1.41
C GLU B 306 2.85 25.34 2.42
N SER B 307 3.60 26.21 3.08
CA SER B 307 3.03 27.23 3.96
C SER B 307 2.20 28.25 3.21
N MET B 308 2.59 28.54 1.99
CA MET B 308 1.86 29.54 1.19
C MET B 308 0.54 28.96 0.74
N LEU B 309 0.58 27.71 0.29
CA LEU B 309 -0.62 27.04 -0.18
C LEU B 309 -1.61 26.90 0.97
N ASN B 310 -1.09 26.57 2.15
CA ASN B 310 -1.92 26.43 3.34
C ASN B 310 -2.59 27.74 3.75
N SER B 311 -1.82 28.81 3.78
CA SER B 311 -2.34 30.08 4.27
C SER B 311 -3.21 30.82 3.26
N GLY B 312 -3.33 30.26 2.06
CA GLY B 312 -4.00 30.95 0.97
C GLY B 312 -3.18 32.13 0.46
N ASN B 313 -1.92 32.18 0.84
CA ASN B 313 -1.01 33.24 0.41
C ASN B 313 -0.59 33.09 -1.07
N PHE B 314 -1.47 33.52 -1.96
CA PHE B 314 -1.21 33.46 -3.40
C PHE B 314 -2.33 34.14 -4.16
N LYS B 315 -2.15 34.27 -5.46
CA LYS B 315 -3.15 34.92 -6.27
C LYS B 315 -4.43 34.11 -6.29
N LYS B 316 -5.53 34.78 -5.99
CA LYS B 316 -6.85 34.18 -6.12
C LYS B 316 -7.47 34.53 -7.46
N THR B 317 -7.44 33.59 -8.39
CA THR B 317 -8.11 33.76 -9.68
C THR B 317 -8.64 32.40 -10.16
N GLN B 318 -8.79 32.22 -11.47
CA GLN B 318 -9.18 30.94 -12.02
C GLN B 318 -7.98 30.21 -12.62
N ILE B 319 -7.92 28.89 -12.43
CA ILE B 319 -6.87 28.11 -13.06
C ILE B 319 -7.48 26.98 -13.85
N LEU B 320 -6.80 26.62 -14.94
CA LEU B 320 -7.17 25.47 -15.75
C LEU B 320 -5.89 24.65 -15.93
N LEU B 321 -5.94 23.38 -15.57
CA LEU B 321 -4.73 22.58 -15.42
C LEU B 321 -5.01 21.10 -15.57
N GLY B 322 -3.95 20.31 -15.77
CA GLY B 322 -4.10 18.90 -16.00
C GLY B 322 -2.82 18.14 -16.27
N VAL B 323 -2.95 16.91 -16.74
CA VAL B 323 -1.81 16.00 -16.89
C VAL B 323 -2.07 15.07 -18.08
N ASN B 324 -1.01 14.39 -18.52
CA ASN B 324 -1.17 13.33 -19.51
C ASN B 324 -1.10 11.97 -18.83
N LYS B 325 -1.67 10.96 -19.47
CA LYS B 325 -1.75 9.61 -18.90
C LYS B 325 -0.39 8.98 -18.60
N ASP B 326 0.63 9.32 -19.37
CA ASP B 326 1.93 8.66 -19.19
C ASP B 326 3.08 9.65 -19.07
N GLU B 327 2.96 10.53 -18.08
CA GLU B 327 3.99 11.51 -17.77
C GLU B 327 5.40 10.89 -17.65
N GLY B 328 5.49 9.63 -17.23
CA GLY B 328 6.78 9.06 -16.87
C GLY B 328 7.70 8.44 -17.93
N SER B 329 7.14 7.97 -19.05
CA SER B 329 7.90 7.18 -20.00
C SER B 329 9.11 7.86 -20.63
N PHE B 330 8.94 9.09 -21.09
CA PHE B 330 10.03 9.89 -21.60
C PHE B 330 11.29 9.81 -20.73
N PHE B 331 11.12 9.91 -19.42
CA PHE B 331 12.24 9.95 -18.47
C PHE B 331 12.85 8.59 -18.16
N LEU B 332 12.05 7.55 -18.28
CA LEU B 332 12.56 6.20 -18.04
C LEU B 332 13.50 5.83 -19.18
N LEU B 333 13.11 6.27 -20.38
CA LEU B 333 13.85 5.99 -21.59
C LEU B 333 15.26 6.53 -21.50
N TYR B 334 15.41 7.75 -21.00
CA TYR B 334 16.70 8.42 -20.87
C TYR B 334 17.45 8.02 -19.60
N GLY B 335 16.78 7.32 -18.70
CA GLY B 335 17.34 7.17 -17.38
C GLY B 335 17.46 5.79 -16.75
N ALA B 336 16.54 4.88 -17.09
CA ALA B 336 16.42 3.61 -16.37
C ALA B 336 16.77 2.35 -17.19
N PRO B 337 17.43 1.38 -16.54
CA PRO B 337 17.80 0.13 -17.23
C PRO B 337 16.61 -0.66 -17.77
N GLY B 338 16.75 -1.20 -18.99
CA GLY B 338 15.73 -2.01 -19.62
C GLY B 338 14.87 -1.26 -20.63
N PHE B 339 14.86 0.06 -20.53
CA PHE B 339 14.04 0.88 -21.43
C PHE B 339 14.74 1.19 -22.73
N SER B 340 14.07 0.94 -23.84
CA SER B 340 14.62 1.26 -25.12
C SER B 340 13.55 1.78 -26.03
N LYS B 341 13.95 2.74 -26.86
CA LYS B 341 13.09 3.32 -27.86
C LYS B 341 12.59 2.23 -28.80
N ASP B 342 13.45 1.23 -29.02
CA ASP B 342 13.27 0.25 -30.09
C ASP B 342 12.76 -1.15 -29.68
N SER B 343 12.55 -1.39 -28.39
CA SER B 343 11.85 -2.60 -27.96
C SER B 343 10.60 -2.24 -27.16
N GLU B 344 9.79 -3.25 -26.86
CA GLU B 344 8.67 -3.10 -25.93
C GLU B 344 9.12 -2.83 -24.50
N SER B 345 10.42 -2.80 -24.27
CA SER B 345 10.99 -2.45 -22.96
C SER B 345 10.33 -3.17 -21.80
N LYS B 346 9.99 -4.44 -22.00
CA LYS B 346 9.56 -5.28 -20.89
C LYS B 346 10.68 -5.33 -19.86
N ILE B 347 10.32 -5.11 -18.61
CA ILE B 347 11.29 -4.84 -17.56
C ILE B 347 11.40 -6.00 -16.57
N SER B 348 12.61 -6.50 -16.34
CA SER B 348 12.80 -7.57 -15.39
C SER B 348 12.60 -7.00 -14.00
N ARG B 349 12.39 -7.88 -13.03
CA ARG B 349 12.16 -7.48 -11.66
C ARG B 349 13.36 -6.73 -11.12
N GLU B 350 14.55 -7.19 -11.47
CA GLU B 350 15.77 -6.53 -11.02
C GLU B 350 15.87 -5.09 -11.54
N ASP B 351 15.53 -4.88 -12.82
CA ASP B 351 15.51 -3.56 -13.41
C ASP B 351 14.40 -2.70 -12.84
N PHE B 352 13.25 -3.32 -12.54
CA PHE B 352 12.16 -2.59 -11.91
C PHE B 352 12.62 -2.07 -10.54
N MET B 353 13.42 -2.88 -9.84
CA MET B 353 14.01 -2.47 -8.58
C MET B 353 14.92 -1.26 -8.73
N SER B 354 15.90 -1.39 -9.64
CA SER B 354 16.81 -0.29 -10.00
C SER B 354 16.04 0.97 -10.38
N GLY B 355 14.98 0.78 -11.16
CA GLY B 355 14.08 1.84 -11.53
C GLY B 355 13.62 2.66 -10.34
N VAL B 356 13.04 2.03 -9.33
CA VAL B 356 12.43 2.81 -8.25
C VAL B 356 13.47 3.58 -7.44
N LYS B 357 14.65 3.00 -7.27
CA LYS B 357 15.73 3.67 -6.55
C LYS B 357 16.17 4.91 -7.34
N LEU B 358 16.15 4.82 -8.66
CA LEU B 358 16.54 5.93 -9.51
C LEU B 358 15.47 7.01 -9.50
N SER B 359 14.22 6.57 -9.34
CA SER B 359 13.06 7.44 -9.48
C SER B 359 12.68 8.16 -8.21
N VAL B 360 12.94 7.54 -7.06
CA VAL B 360 12.68 8.20 -5.80
C VAL B 360 13.99 8.31 -5.04
N PRO B 361 14.93 9.11 -5.57
CA PRO B 361 16.34 9.07 -5.13
C PRO B 361 16.58 9.66 -3.76
N HIS B 362 15.54 10.13 -3.10
CA HIS B 362 15.68 10.70 -1.77
C HIS B 362 15.11 9.77 -0.70
N ALA B 363 14.47 8.68 -1.13
CA ALA B 363 13.88 7.75 -0.18
C ALA B 363 14.94 6.92 0.50
N ASN B 364 14.77 6.71 1.80
CA ASN B 364 15.51 5.68 2.53
C ASN B 364 15.00 4.30 2.12
N ASP B 365 15.61 3.27 2.67
CA ASP B 365 15.27 1.92 2.27
C ASP B 365 13.82 1.58 2.60
N LEU B 366 13.36 2.01 3.76
CA LEU B 366 11.96 1.81 4.13
C LEU B 366 11.07 2.45 3.07
N GLY B 367 11.38 3.70 2.74
CA GLY B 367 10.68 4.40 1.68
C GLY B 367 10.64 3.62 0.37
N LEU B 368 11.79 3.12 -0.07
CA LEU B 368 11.88 2.29 -1.27
C LEU B 368 10.98 1.05 -1.20
N ASP B 369 10.98 0.38 -0.05
CA ASP B 369 10.10 -0.77 0.14
C ASP B 369 8.62 -0.41 -0.01
N ALA B 370 8.24 0.75 0.53
CA ALA B 370 6.87 1.23 0.44
C ALA B 370 6.44 1.50 -1.00
N VAL B 371 7.26 2.24 -1.75
CA VAL B 371 6.99 2.51 -3.16
C VAL B 371 6.84 1.20 -3.93
N THR B 372 7.83 0.32 -3.79
CA THR B 372 7.81 -1.00 -4.40
C THR B 372 6.53 -1.76 -4.11
N LEU B 373 6.18 -1.86 -2.83
CA LEU B 373 4.96 -2.55 -2.45
C LEU B 373 3.73 -1.91 -3.08
N GLN B 374 3.72 -0.58 -3.09
CA GLN B 374 2.57 0.17 -3.56
C GLN B 374 2.29 -0.07 -5.05
N TYR B 375 3.31 -0.46 -5.81
CA TYR B 375 3.21 -0.59 -7.27
C TYR B 375 3.49 -2.00 -7.83
N THR B 376 3.69 -2.98 -6.94
CA THR B 376 3.94 -4.36 -7.36
C THR B 376 2.73 -5.26 -7.16
N ASP B 377 2.34 -5.98 -8.20
CA ASP B 377 1.33 -7.04 -8.11
C ASP B 377 2.05 -8.35 -7.76
N TRP B 378 1.90 -8.80 -6.52
CA TRP B 378 2.67 -9.93 -6.02
C TRP B 378 2.18 -11.31 -6.44
N MET B 379 1.16 -11.36 -7.28
CA MET B 379 0.80 -12.61 -7.94
C MET B 379 1.52 -12.73 -9.28
N ASP B 380 2.21 -11.67 -9.69
CA ASP B 380 2.67 -11.59 -11.08
C ASP B 380 3.91 -10.70 -11.18
N ASP B 381 4.74 -10.73 -10.15
CA ASP B 381 5.81 -9.76 -9.99
C ASP B 381 6.91 -9.81 -11.06
N ASN B 382 6.94 -10.88 -11.84
CA ASN B 382 7.93 -10.99 -12.92
C ASN B 382 7.35 -10.64 -14.29
N ASN B 383 6.17 -10.05 -14.29
CA ASN B 383 5.54 -9.58 -15.52
C ASN B 383 6.22 -8.30 -16.05
N GLY B 384 7.01 -8.45 -17.10
CA GLY B 384 7.81 -7.37 -17.66
C GLY B 384 7.02 -6.15 -18.10
N ILE B 385 5.83 -6.38 -18.64
CA ILE B 385 4.91 -5.30 -18.95
C ILE B 385 4.43 -4.58 -17.68
N LYS B 386 3.82 -5.32 -16.75
CA LYS B 386 3.35 -4.75 -15.49
C LYS B 386 4.47 -4.05 -14.70
N ASN B 387 5.68 -4.57 -14.80
CA ASN B 387 6.83 -3.90 -14.20
C ASN B 387 7.18 -2.61 -14.95
N ARG B 388 6.98 -2.58 -16.27
CA ARG B 388 7.29 -1.41 -17.07
C ARG B 388 6.28 -0.29 -16.81
N ASP B 389 5.01 -0.61 -17.05
CA ASP B 389 3.91 0.29 -16.81
C ASP B 389 3.90 0.79 -15.37
N GLY B 390 4.25 -0.09 -14.43
CA GLY B 390 4.30 0.26 -13.03
C GLY B 390 5.37 1.27 -12.67
N LEU B 391 6.54 1.12 -13.28
CA LEU B 391 7.64 2.04 -13.10
C LEU B 391 7.31 3.37 -13.80
N ASP B 392 6.61 3.28 -14.92
CA ASP B 392 6.08 4.44 -15.64
C ASP B 392 5.15 5.25 -14.73
N ASP B 393 4.17 4.58 -14.15
CA ASP B 393 3.27 5.21 -13.19
C ASP B 393 4.01 5.80 -11.99
N ILE B 394 5.00 5.08 -11.45
CA ILE B 394 5.78 5.61 -10.33
C ILE B 394 6.36 6.98 -10.67
N VAL B 395 7.00 7.07 -11.84
CA VAL B 395 7.65 8.29 -12.28
C VAL B 395 6.64 9.41 -12.51
N GLY B 396 5.59 9.12 -13.26
CA GLY B 396 4.56 10.08 -13.57
C GLY B 396 3.80 10.57 -12.35
N ASP B 397 3.49 9.66 -11.43
CA ASP B 397 2.69 9.99 -10.27
C ASP B 397 3.50 10.79 -9.27
N HIS B 398 4.69 10.31 -8.99
CA HIS B 398 5.59 11.00 -8.08
C HIS B 398 5.92 12.43 -8.55
N ASN B 399 6.26 12.59 -9.83
CA ASN B 399 6.86 13.82 -10.32
C ASN B 399 5.87 14.87 -10.84
N VAL B 400 4.77 14.42 -11.44
CA VAL B 400 3.80 15.30 -12.06
C VAL B 400 2.37 15.17 -11.46
N ILE B 401 1.73 14.04 -11.72
CA ILE B 401 0.32 13.84 -11.33
C ILE B 401 0.05 14.13 -9.86
N CYS B 402 0.77 13.50 -8.95
CA CYS B 402 0.47 13.73 -7.54
C CYS B 402 0.81 15.12 -7.00
N PRO B 403 1.99 15.67 -7.34
CA PRO B 403 2.23 17.09 -7.05
C PRO B 403 1.07 17.99 -7.51
N LEU B 404 0.67 17.87 -8.76
CA LEU B 404 -0.42 18.68 -9.31
C LEU B 404 -1.74 18.50 -8.55
N MET B 405 -2.07 17.28 -8.18
CA MET B 405 -3.31 17.03 -7.44
C MET B 405 -3.23 17.69 -6.06
N HIS B 406 -2.03 17.66 -5.47
CA HIS B 406 -1.85 18.30 -4.18
C HIS B 406 -2.14 19.77 -4.35
N PHE B 407 -1.59 20.32 -5.45
CA PHE B 407 -1.71 21.75 -5.78
C PHE B 407 -3.14 22.14 -6.10
N VAL B 408 -3.80 21.37 -6.94
CA VAL B 408 -5.18 21.64 -7.35
C VAL B 408 -6.17 21.57 -6.15
N ASN B 409 -5.89 20.68 -5.20
CA ASN B 409 -6.72 20.57 -4.00
C ASN B 409 -6.49 21.76 -3.05
N LYS B 410 -5.22 22.08 -2.79
CA LYS B 410 -4.87 23.22 -1.93
C LYS B 410 -5.32 24.55 -2.54
N TYR B 411 -5.08 24.72 -3.83
CA TYR B 411 -5.42 25.97 -4.51
C TYR B 411 -6.91 26.22 -4.42
N THR B 412 -7.70 25.19 -4.67
CA THR B 412 -9.15 25.31 -4.82
C THR B 412 -9.86 25.85 -3.57
N LYS B 413 -9.27 25.64 -2.39
CA LYS B 413 -9.84 26.17 -1.15
C LYS B 413 -9.93 27.70 -1.13
N PHE B 414 -9.06 28.36 -1.86
CA PHE B 414 -9.06 29.83 -1.93
C PHE B 414 -9.32 30.39 -3.33
N GLY B 415 -9.14 29.58 -4.36
CA GLY B 415 -9.30 30.02 -5.74
C GLY B 415 -10.70 30.44 -6.11
N ASN B 416 -10.89 30.92 -7.33
CA ASN B 416 -12.19 31.45 -7.76
C ASN B 416 -12.72 30.66 -8.96
N GLY B 417 -12.18 29.46 -9.11
CA GLY B 417 -12.62 28.59 -10.17
C GLY B 417 -11.51 27.70 -10.71
N THR B 418 -11.71 26.38 -10.62
CA THR B 418 -10.71 25.41 -11.03
C THR B 418 -11.27 24.47 -12.08
N TYR B 419 -10.49 24.18 -13.10
CA TYR B 419 -10.86 23.22 -14.12
C TYR B 419 -9.72 22.23 -14.29
N LEU B 420 -10.05 20.94 -14.29
CA LEU B 420 -9.04 19.90 -14.33
C LEU B 420 -9.27 18.94 -15.50
N TYR B 421 -8.19 18.50 -16.15
CA TYR B 421 -8.31 17.60 -17.28
C TYR B 421 -7.28 16.46 -17.23
N PHE B 422 -7.66 15.33 -17.80
CA PHE B 422 -6.77 14.19 -17.94
C PHE B 422 -6.60 13.98 -19.43
N PHE B 423 -5.42 14.29 -19.95
CA PHE B 423 -5.21 14.17 -21.38
C PHE B 423 -4.66 12.79 -21.65
N ASN B 424 -5.41 12.00 -22.41
CA ASN B 424 -4.99 10.61 -22.64
C ASN B 424 -5.14 10.10 -24.08
N HIS B 425 -5.14 11.02 -25.03
CA HIS B 425 -5.08 10.62 -26.42
C HIS B 425 -3.64 10.39 -26.89
N ARG B 426 -3.40 9.23 -27.49
CA ARG B 426 -2.14 8.97 -28.17
C ARG B 426 -2.27 9.38 -29.62
N ALA B 427 -1.42 10.32 -30.05
CA ALA B 427 -1.48 10.83 -31.42
C ALA B 427 -1.28 9.72 -32.44
N SER B 428 -2.13 9.69 -33.46
CA SER B 428 -2.04 8.67 -34.49
C SER B 428 -0.71 8.67 -35.22
N ASN B 429 0.01 9.79 -35.17
CA ASN B 429 1.30 9.91 -35.88
C ASN B 429 2.53 10.00 -34.98
N LEU B 430 2.45 9.44 -33.77
CA LEU B 430 3.58 9.48 -32.84
C LEU B 430 4.75 8.65 -33.36
N VAL B 431 5.96 9.13 -33.08
CA VAL B 431 7.17 8.59 -33.68
C VAL B 431 7.90 7.83 -32.60
N TRP B 432 7.38 7.97 -31.39
CA TRP B 432 7.87 7.20 -30.26
C TRP B 432 7.12 5.89 -30.16
N PRO B 433 7.73 4.88 -29.52
CA PRO B 433 7.10 3.55 -29.47
C PRO B 433 5.79 3.53 -28.69
N GLU B 434 4.97 2.54 -29.02
CA GLU B 434 3.68 2.31 -28.37
C GLU B 434 3.77 2.24 -26.83
N TRP B 435 4.84 1.68 -26.31
CA TRP B 435 4.89 1.44 -24.86
C TRP B 435 4.95 2.72 -24.04
N MET B 436 5.32 3.83 -24.68
CA MET B 436 5.50 5.09 -24.00
C MET B 436 4.18 5.80 -23.77
N GLY B 437 3.16 5.35 -24.50
CA GLY B 437 1.78 5.77 -24.27
C GLY B 437 1.46 7.22 -24.60
N VAL B 438 0.83 7.91 -23.65
CA VAL B 438 0.55 9.33 -23.81
C VAL B 438 1.61 10.16 -23.10
N ILE B 439 2.55 10.66 -23.88
CA ILE B 439 3.80 11.18 -23.38
C ILE B 439 3.71 12.61 -22.85
N HIS B 440 4.45 12.87 -21.78
CA HIS B 440 4.83 14.20 -21.32
C HIS B 440 5.10 15.12 -22.53
N GLY B 441 4.37 16.23 -22.59
CA GLY B 441 4.57 17.23 -23.63
C GLY B 441 3.85 16.99 -24.94
N TYR B 442 3.10 15.89 -25.07
CA TYR B 442 2.49 15.62 -26.37
C TYR B 442 1.02 16.02 -26.47
N GLU B 443 0.57 16.78 -25.50
CA GLU B 443 -0.70 17.50 -25.59
C GLU B 443 -0.44 18.89 -26.15
N ILE B 444 0.83 19.31 -26.10
CA ILE B 444 1.20 20.64 -26.55
C ILE B 444 0.85 20.90 -28.01
N GLU B 445 1.21 19.97 -28.89
CA GLU B 445 0.94 20.11 -30.33
C GLU B 445 -0.56 20.25 -30.62
N PHE B 446 -1.38 19.76 -29.69
CA PHE B 446 -2.83 19.82 -29.78
C PHE B 446 -3.33 21.19 -29.30
N VAL B 447 -2.71 21.69 -28.24
CA VAL B 447 -3.00 23.02 -27.74
C VAL B 447 -2.62 24.12 -28.76
N PHE B 448 -1.57 23.85 -29.54
CA PHE B 448 -1.02 24.85 -30.44
C PHE B 448 -1.54 24.75 -31.86
N GLY B 449 -2.44 23.81 -32.10
CA GLY B 449 -3.16 23.76 -33.36
C GLY B 449 -2.49 23.01 -34.51
N LEU B 450 -1.36 22.36 -34.26
CA LEU B 450 -0.67 21.59 -35.29
C LEU B 450 -1.54 20.56 -36.02
N PRO B 451 -2.53 19.96 -35.33
CA PRO B 451 -3.33 19.04 -36.15
C PRO B 451 -4.27 19.71 -37.16
N LEU B 452 -4.28 21.04 -37.21
CA LEU B 452 -5.09 21.74 -38.22
C LEU B 452 -4.40 21.74 -39.57
N VAL B 453 -3.11 21.46 -39.57
CA VAL B 453 -2.31 21.50 -40.80
C VAL B 453 -2.22 20.12 -41.46
N LYS B 454 -2.83 20.04 -42.64
CA LYS B 454 -3.04 18.79 -43.36
C LYS B 454 -1.79 17.95 -43.58
N GLU B 455 -0.68 18.59 -43.92
CA GLU B 455 0.53 17.83 -44.25
C GLU B 455 1.17 17.14 -43.04
N LEU B 456 0.77 17.57 -41.85
CA LEU B 456 1.24 16.90 -40.62
C LEU B 456 0.60 15.52 -40.40
N ASN B 457 -0.46 15.24 -41.16
CA ASN B 457 -1.07 13.91 -41.24
C ASN B 457 -1.75 13.43 -39.94
N TYR B 458 -2.33 14.36 -39.20
CA TYR B 458 -3.23 14.01 -38.11
C TYR B 458 -4.56 13.60 -38.72
N THR B 459 -5.34 12.83 -37.98
CA THR B 459 -6.63 12.37 -38.50
C THR B 459 -7.69 13.47 -38.38
N ALA B 460 -8.83 13.26 -39.03
CA ALA B 460 -9.91 14.22 -38.94
C ALA B 460 -10.31 14.42 -37.49
N GLU B 461 -10.31 13.34 -36.71
CA GLU B 461 -10.75 13.38 -35.30
C GLU B 461 -9.77 14.13 -34.40
N GLU B 462 -8.51 14.16 -34.81
CA GLU B 462 -7.48 14.85 -34.02
C GLU B 462 -7.50 16.36 -34.29
N GLU B 463 -7.83 16.73 -35.51
CA GLU B 463 -7.98 18.14 -35.82
C GLU B 463 -9.11 18.67 -34.97
N ALA B 464 -10.18 17.90 -34.90
CA ALA B 464 -11.37 18.29 -34.14
C ALA B 464 -11.06 18.41 -32.66
N LEU B 465 -10.16 17.56 -32.18
CA LEU B 465 -9.75 17.58 -30.78
C LEU B 465 -8.92 18.83 -30.46
N SER B 466 -8.00 19.17 -31.36
CA SER B 466 -7.19 20.39 -31.24
C SER B 466 -8.06 21.64 -31.23
N ARG B 467 -9.10 21.65 -32.08
CA ARG B 467 -10.01 22.79 -32.12
C ARG B 467 -10.80 22.93 -30.82
N ARG B 468 -11.33 21.83 -30.29
N ARG B 468 -11.32 21.80 -30.34
CA ARG B 468 -12.07 21.93 -29.04
CA ARG B 468 -12.02 21.71 -29.07
C ARG B 468 -11.15 22.26 -27.87
C ARG B 468 -11.14 22.27 -27.97
N ILE B 469 -9.91 21.78 -27.94
CA ILE B 469 -8.92 22.12 -26.92
C ILE B 469 -8.48 23.59 -26.97
N MET B 470 -8.21 24.10 -28.18
CA MET B 470 -7.83 25.49 -28.31
C MET B 470 -8.95 26.40 -27.84
N HIS B 471 -10.19 26.03 -28.19
CA HIS B 471 -11.34 26.83 -27.79
C HIS B 471 -11.46 26.88 -26.27
N TYR B 472 -11.33 25.73 -25.61
CA TYR B 472 -11.26 25.69 -24.14
C TYR B 472 -10.23 26.68 -23.57
N TRP B 473 -8.97 26.54 -24.01
CA TRP B 473 -7.89 27.38 -23.53
C TRP B 473 -8.20 28.86 -23.76
N ALA B 474 -8.66 29.18 -24.97
CA ALA B 474 -8.99 30.55 -25.29
C ALA B 474 -10.21 31.03 -24.52
N THR B 475 -11.29 30.26 -24.56
CA THR B 475 -12.51 30.69 -23.88
C THR B 475 -12.23 30.90 -22.41
N PHE B 476 -11.48 29.98 -21.79
CA PHE B 476 -11.02 30.16 -20.42
C PHE B 476 -10.24 31.46 -20.26
N ALA B 477 -9.38 31.76 -21.22
CA ALA B 477 -8.52 32.94 -21.11
C ALA B 477 -9.34 34.23 -21.18
N LYS B 478 -10.37 34.22 -22.03
CA LYS B 478 -11.26 35.38 -22.22
C LYS B 478 -12.18 35.60 -21.01
N THR B 479 -12.84 34.54 -20.58
CA THR B 479 -13.91 34.67 -19.59
C THR B 479 -13.58 34.07 -18.24
N GLY B 480 -12.60 33.16 -18.17
CA GLY B 480 -12.30 32.43 -16.93
C GLY B 480 -12.98 31.07 -16.85
N ASN B 481 -13.53 30.63 -17.97
CA ASN B 481 -14.33 29.41 -18.02
C ASN B 481 -14.17 28.81 -19.42
N PRO B 482 -13.80 27.52 -19.52
CA PRO B 482 -13.56 26.92 -20.83
C PRO B 482 -14.84 26.69 -21.64
N ASN B 483 -15.99 26.76 -20.97
CA ASN B 483 -17.27 26.53 -21.64
C ASN B 483 -17.86 27.84 -22.17
N GLU B 484 -18.45 27.80 -23.37
CA GLU B 484 -19.34 28.87 -23.80
C GLU B 484 -20.67 28.67 -23.11
N PRO B 485 -20.97 29.49 -22.08
CA PRO B 485 -22.20 29.27 -21.31
C PRO B 485 -23.40 29.35 -22.23
N HIS B 486 -24.48 28.68 -21.87
CA HIS B 486 -25.65 28.46 -22.74
C HIS B 486 -25.32 28.25 -24.24
N SER B 487 -24.39 27.35 -24.50
CA SER B 487 -24.20 26.79 -25.83
C SER B 487 -24.58 25.32 -25.77
N GLN B 488 -24.60 24.67 -26.92
CA GLN B 488 -25.08 23.30 -26.98
C GLN B 488 -24.17 22.29 -26.27
N GLU B 489 -22.88 22.32 -26.60
CA GLU B 489 -21.93 21.26 -26.22
C GLU B 489 -21.90 20.92 -24.73
N SER B 490 -21.52 19.68 -24.42
CA SER B 490 -21.45 19.21 -23.04
C SER B 490 -20.44 20.06 -22.27
N LYS B 491 -20.69 20.27 -20.99
CA LYS B 491 -19.92 21.25 -20.24
C LYS B 491 -18.91 20.70 -19.22
N TRP B 492 -17.68 21.18 -19.33
CA TRP B 492 -16.58 20.83 -18.43
C TRP B 492 -16.93 21.36 -17.04
N PRO B 493 -17.07 20.45 -16.06
CA PRO B 493 -17.47 20.92 -14.73
C PRO B 493 -16.32 21.56 -13.98
N LEU B 494 -16.68 22.50 -13.11
CA LEU B 494 -15.78 23.02 -12.11
C LEU B 494 -15.26 21.90 -11.23
N PHE B 495 -13.98 21.99 -10.90
CA PHE B 495 -13.41 21.18 -9.84
C PHE B 495 -13.73 21.85 -8.51
N THR B 496 -14.49 21.15 -7.68
CA THR B 496 -14.83 21.66 -6.36
C THR B 496 -14.19 20.73 -5.34
N THR B 497 -13.87 21.25 -4.16
CA THR B 497 -13.20 20.44 -3.14
C THR B 497 -14.04 19.24 -2.68
N LYS B 498 -15.35 19.30 -2.92
CA LYS B 498 -16.21 18.20 -2.54
C LYS B 498 -16.28 17.12 -3.63
N GLU B 499 -16.69 17.50 -4.84
CA GLU B 499 -16.85 16.52 -5.91
C GLU B 499 -15.55 16.14 -6.63
N GLN B 500 -14.58 17.05 -6.65
CA GLN B 500 -13.28 16.76 -7.25
C GLN B 500 -13.33 16.31 -8.73
N LYS B 501 -14.33 16.83 -9.45
CA LYS B 501 -14.54 16.47 -10.84
C LYS B 501 -13.43 16.92 -11.80
N PHE B 502 -13.29 16.18 -12.90
CA PHE B 502 -12.41 16.51 -14.00
C PHE B 502 -12.90 15.81 -15.24
N ILE B 503 -12.28 16.09 -16.38
CA ILE B 503 -12.67 15.42 -17.61
C ILE B 503 -11.50 14.72 -18.28
N ASP B 504 -11.80 13.69 -19.06
CA ASP B 504 -10.84 13.17 -20.01
C ASP B 504 -10.86 14.14 -21.17
N LEU B 505 -9.69 14.35 -21.76
CA LEU B 505 -9.54 15.08 -23.00
C LEU B 505 -9.03 14.10 -24.07
N ASN B 506 -9.88 13.79 -25.04
CA ASN B 506 -9.52 12.91 -26.16
C ASN B 506 -10.54 13.03 -27.32
N THR B 507 -10.49 12.09 -28.27
CA THR B 507 -11.39 12.18 -29.42
C THR B 507 -12.80 11.66 -29.13
N GLU B 508 -12.96 10.96 -28.01
CA GLU B 508 -14.27 10.47 -27.61
C GLU B 508 -15.09 11.59 -26.98
N PRO B 509 -16.43 11.42 -26.97
CA PRO B 509 -17.28 12.36 -26.23
C PRO B 509 -16.84 12.45 -24.77
N MET B 510 -17.12 13.59 -24.16
CA MET B 510 -16.55 13.93 -22.86
C MET B 510 -17.10 13.08 -21.72
N LYS B 511 -16.20 12.59 -20.87
CA LYS B 511 -16.57 11.87 -19.65
C LYS B 511 -16.13 12.67 -18.44
N VAL B 512 -17.01 12.80 -17.45
CA VAL B 512 -16.64 13.38 -16.17
C VAL B 512 -16.19 12.26 -15.25
N HIS B 513 -15.19 12.52 -14.43
CA HIS B 513 -14.81 11.56 -13.40
C HIS B 513 -14.58 12.33 -12.13
N GLN B 514 -14.36 11.61 -11.04
CA GLN B 514 -13.99 12.24 -9.79
C GLN B 514 -12.69 11.65 -9.28
N ARG B 515 -11.95 12.45 -8.54
CA ARG B 515 -10.78 12.01 -7.79
C ARG B 515 -9.71 11.36 -8.65
N LEU B 516 -9.11 12.17 -9.51
CA LEU B 516 -8.00 11.72 -10.36
C LEU B 516 -6.85 11.14 -9.54
N ARG B 517 -6.56 9.87 -9.80
CA ARG B 517 -5.55 9.08 -9.09
C ARG B 517 -5.46 9.25 -7.58
N VAL B 518 -6.61 9.20 -6.89
CA VAL B 518 -6.63 9.34 -5.43
C VAL B 518 -5.71 8.32 -4.76
N GLN B 519 -5.93 7.04 -5.09
CA GLN B 519 -5.30 5.94 -4.35
C GLN B 519 -3.80 6.11 -4.28
N MET B 520 -3.19 6.30 -5.45
CA MET B 520 -1.76 6.56 -5.51
C MET B 520 -1.41 7.92 -4.90
N CYS B 521 -2.18 8.96 -5.16
CA CYS B 521 -1.76 10.27 -4.68
C CYS B 521 -1.89 10.45 -3.17
N VAL B 522 -2.81 9.72 -2.55
CA VAL B 522 -2.83 9.66 -1.09
C VAL B 522 -1.48 9.12 -0.58
N PHE B 523 -0.95 8.11 -1.28
CA PHE B 523 0.35 7.54 -0.92
C PHE B 523 1.48 8.57 -1.07
N TRP B 524 1.61 9.20 -2.24
CA TRP B 524 2.67 10.18 -2.44
C TRP B 524 2.54 11.42 -1.54
N ASN B 525 1.33 11.97 -1.44
CA ASN B 525 1.15 13.26 -0.76
C ASN B 525 1.03 13.20 0.75
N GLN B 526 0.53 12.08 1.28
CA GLN B 526 0.28 11.96 2.71
C GLN B 526 1.13 10.89 3.38
N PHE B 527 1.07 9.65 2.89
CA PHE B 527 1.78 8.56 3.55
C PHE B 527 3.30 8.64 3.44
N LEU B 528 3.83 8.57 2.23
CA LEU B 528 5.28 8.56 2.04
C LEU B 528 6.05 9.67 2.76
N PRO B 529 5.55 10.92 2.73
CA PRO B 529 6.36 11.93 3.43
C PRO B 529 6.38 11.71 4.93
N LYS B 530 5.28 11.18 5.47
CA LYS B 530 5.21 10.83 6.89
C LYS B 530 6.23 9.76 7.20
N LEU B 531 6.40 8.85 6.25
CA LEU B 531 7.29 7.72 6.45
C LEU B 531 8.73 8.20 6.48
N LEU B 532 9.04 9.17 5.64
CA LEU B 532 10.41 9.65 5.49
C LEU B 532 10.80 10.63 6.59
N ASN B 533 9.80 11.36 7.08
CA ASN B 533 9.96 12.30 8.19
C ASN B 533 10.27 11.59 9.51
N ALA B 534 9.90 10.32 9.60
CA ALA B 534 10.16 9.53 10.79
C ALA B 534 11.61 9.05 10.81
N THR B 535 12.05 8.53 11.95
CA THR B 535 13.43 8.03 12.06
C THR B 535 13.57 6.73 12.85
#